data_1K9L
# 
_entry.id   1K9L 
# 
_audit_conform.dict_name       mmcif_pdbx.dic 
_audit_conform.dict_version    5.392 
_audit_conform.dict_location   http://mmcif.pdb.org/dictionaries/ascii/mmcif_pdbx.dic 
# 
loop_
_database_2.database_id 
_database_2.database_code 
_database_2.pdbx_database_accession 
_database_2.pdbx_DOI 
PDB   1K9L         pdb_00001k9l 10.2210/pdb1k9l/pdb 
RCSB  RCSB014731   ?            ?                   
WWPDB D_1000014731 ?            ?                   
# 
loop_
_pdbx_audit_revision_history.ordinal 
_pdbx_audit_revision_history.data_content_type 
_pdbx_audit_revision_history.major_revision 
_pdbx_audit_revision_history.minor_revision 
_pdbx_audit_revision_history.revision_date 
1 'Structure model' 1 0 2001-11-07 
2 'Structure model' 1 1 2008-04-27 
3 'Structure model' 1 2 2011-07-13 
4 'Structure model' 1 3 2022-02-23 
5 'Structure model' 1 4 2024-05-22 
# 
_pdbx_audit_revision_details.ordinal             1 
_pdbx_audit_revision_details.revision_ordinal    1 
_pdbx_audit_revision_details.data_content_type   'Structure model' 
_pdbx_audit_revision_details.provider            repository 
_pdbx_audit_revision_details.type                'Initial release' 
_pdbx_audit_revision_details.description         ? 
_pdbx_audit_revision_details.details             ? 
# 
loop_
_pdbx_audit_revision_group.ordinal 
_pdbx_audit_revision_group.revision_ordinal 
_pdbx_audit_revision_group.data_content_type 
_pdbx_audit_revision_group.group 
1 2 'Structure model' 'Version format compliance' 
2 3 'Structure model' 'Version format compliance' 
3 4 'Structure model' 'Data collection'           
4 4 'Structure model' 'Database references'       
5 4 'Structure model' 'Derived calculations'      
6 5 'Structure model' 'Data collection'           
# 
loop_
_pdbx_audit_revision_category.ordinal 
_pdbx_audit_revision_category.revision_ordinal 
_pdbx_audit_revision_category.data_content_type 
_pdbx_audit_revision_category.category 
1 4 'Structure model' database_2            
2 4 'Structure model' pdbx_nmr_software     
3 4 'Structure model' pdbx_struct_assembly  
4 4 'Structure model' pdbx_struct_oper_list 
5 5 'Structure model' chem_comp_atom        
6 5 'Structure model' chem_comp_bond        
# 
loop_
_pdbx_audit_revision_item.ordinal 
_pdbx_audit_revision_item.revision_ordinal 
_pdbx_audit_revision_item.data_content_type 
_pdbx_audit_revision_item.item 
1 4 'Structure model' '_database_2.pdbx_DOI'                
2 4 'Structure model' '_database_2.pdbx_database_accession' 
3 4 'Structure model' '_pdbx_nmr_software.name'             
# 
_pdbx_database_status.status_code                     REL 
_pdbx_database_status.entry_id                        1K9L 
_pdbx_database_status.recvd_initial_deposition_date   2001-10-29 
_pdbx_database_status.deposit_site                    RCSB 
_pdbx_database_status.process_site                    RCSB 
_pdbx_database_status.SG_entry                        . 
_pdbx_database_status.pdb_format_compatible           Y 
_pdbx_database_status.status_code_mr                  ? 
_pdbx_database_status.status_code_sf                  ? 
_pdbx_database_status.status_code_cs                  ? 
_pdbx_database_status.status_code_nmr_data            ? 
_pdbx_database_status.methods_development_category    ? 
# 
_pdbx_database_related.db_name        PDB 
_pdbx_database_related.db_id          1K9H 
_pdbx_database_related.details        '1K9H IS THE NMR STRUCTURE OF DNA TGTGAGCGCTCACA.' 
_pdbx_database_related.content_type   unspecified 
# 
loop_
_audit_author.name 
_audit_author.pdbx_ordinal 
'Kaluarachchi, K.' 1 
'Gorenstein, D.G.' 2 
'Luxon, B.A.'      3 
# 
_citation.id                        primary 
_citation.title                     
'How Do Proteins Recognize DNA? Solution Structure and Local Conformational Dynamics of Lac Operators by 2D NMR' 
_citation.journal_abbrev            J.Biomol.Struct.Dyn. 
_citation.journal_volume            'Conversation 11' 
_citation.page_first                123 
_citation.page_last                 133 
_citation.year                      2000 
_citation.journal_id_ASTM           JBSDD6 
_citation.country                   US 
_citation.journal_id_ISSN           0739-1102 
_citation.journal_id_CSD            0646 
_citation.book_publisher            ? 
_citation.pdbx_database_id_PubMed   -1 
_citation.pdbx_database_id_DOI      ? 
# 
loop_
_citation_author.citation_id 
_citation_author.name 
_citation_author.ordinal 
_citation_author.identifier_ORCID 
primary 'Kaluarachchi, K.' 1 ? 
primary 'Gorenstein, D.G.' 2 ? 
primary 'Luxon, B.A.'      3 ? 
# 
_entity.id                         1 
_entity.type                       polymer 
_entity.src_method                 syn 
_entity.pdbx_description           "5'-D(*TP*AP*TP*GP*AP*GP*CP*GP*CP*TP*CP*AP*TP*A)-3'" 
_entity.formula_weight             4279.804 
_entity.pdbx_number_of_molecules   2 
_entity.pdbx_ec                    ? 
_entity.pdbx_mutation              G2A/C13T 
_entity.pdbx_fragment              ? 
_entity.details                    'This sequence is a G2A/C13T mutant of the symmetrized wild-type lac operator sequence.' 
# 
_entity_poly.entity_id                      1 
_entity_poly.type                           polydeoxyribonucleotide 
_entity_poly.nstd_linkage                   no 
_entity_poly.nstd_monomer                   no 
_entity_poly.pdbx_seq_one_letter_code       '(DT)(DA)(DT)(DG)(DA)(DG)(DC)(DG)(DC)(DT)(DC)(DA)(DT)(DA)' 
_entity_poly.pdbx_seq_one_letter_code_can   TATGAGCGCTCATA 
_entity_poly.pdbx_strand_id                 A,B 
_entity_poly.pdbx_target_identifier         ? 
# 
loop_
_entity_poly_seq.entity_id 
_entity_poly_seq.num 
_entity_poly_seq.mon_id 
_entity_poly_seq.hetero 
1 1  DT n 
1 2  DA n 
1 3  DT n 
1 4  DG n 
1 5  DA n 
1 6  DG n 
1 7  DC n 
1 8  DG n 
1 9  DC n 
1 10 DT n 
1 11 DC n 
1 12 DA n 
1 13 DT n 
1 14 DA n 
# 
loop_
_chem_comp.id 
_chem_comp.type 
_chem_comp.mon_nstd_flag 
_chem_comp.name 
_chem_comp.pdbx_synonyms 
_chem_comp.formula 
_chem_comp.formula_weight 
DA 'DNA linking' y "2'-DEOXYADENOSINE-5'-MONOPHOSPHATE" ? 'C10 H14 N5 O6 P' 331.222 
DC 'DNA linking' y "2'-DEOXYCYTIDINE-5'-MONOPHOSPHATE"  ? 'C9 H14 N3 O7 P'  307.197 
DG 'DNA linking' y "2'-DEOXYGUANOSINE-5'-MONOPHOSPHATE" ? 'C10 H14 N5 O7 P' 347.221 
DT 'DNA linking' y "THYMIDINE-5'-MONOPHOSPHATE"         ? 'C10 H15 N2 O8 P' 322.208 
# 
loop_
_pdbx_poly_seq_scheme.asym_id 
_pdbx_poly_seq_scheme.entity_id 
_pdbx_poly_seq_scheme.seq_id 
_pdbx_poly_seq_scheme.mon_id 
_pdbx_poly_seq_scheme.ndb_seq_num 
_pdbx_poly_seq_scheme.pdb_seq_num 
_pdbx_poly_seq_scheme.auth_seq_num 
_pdbx_poly_seq_scheme.pdb_mon_id 
_pdbx_poly_seq_scheme.auth_mon_id 
_pdbx_poly_seq_scheme.pdb_strand_id 
_pdbx_poly_seq_scheme.pdb_ins_code 
_pdbx_poly_seq_scheme.hetero 
A 1 1  DT 1  1  1  DT THY A . n 
A 1 2  DA 2  2  2  DA ADE A . n 
A 1 3  DT 3  3  3  DT THY A . n 
A 1 4  DG 4  4  4  DG GUA A . n 
A 1 5  DA 5  5  5  DA ADE A . n 
A 1 6  DG 6  6  6  DG GUA A . n 
A 1 7  DC 7  7  7  DC CYT A . n 
A 1 8  DG 8  8  8  DG GUA A . n 
A 1 9  DC 9  9  9  DC CYT A . n 
A 1 10 DT 10 10 10 DT THY A . n 
A 1 11 DC 11 11 11 DC CYT A . n 
A 1 12 DA 12 12 12 DA ADE A . n 
A 1 13 DT 13 13 13 DT THY A . n 
A 1 14 DA 14 14 14 DA ADE A . n 
B 1 1  DT 1  15 15 DT THY B . n 
B 1 2  DA 2  16 16 DA ADE B . n 
B 1 3  DT 3  17 17 DT THY B . n 
B 1 4  DG 4  18 18 DG GUA B . n 
B 1 5  DA 5  19 19 DA ADE B . n 
B 1 6  DG 6  20 20 DG GUA B . n 
B 1 7  DC 7  21 21 DC CYT B . n 
B 1 8  DG 8  22 22 DG GUA B . n 
B 1 9  DC 9  23 23 DC CYT B . n 
B 1 10 DT 10 24 24 DT THY B . n 
B 1 11 DC 11 25 25 DC CYT B . n 
B 1 12 DA 12 26 26 DA ADE B . n 
B 1 13 DT 13 27 27 DT THY B . n 
B 1 14 DA 14 28 28 DA ADE B . n 
# 
_exptl.entry_id          1K9L 
_exptl.method            'SOLUTION NMR' 
_exptl.crystals_number   ? 
# 
_exptl_crystal.id                    1 
_exptl_crystal.density_meas          ? 
_exptl_crystal.density_Matthews      ? 
_exptl_crystal.density_percent_sol   ? 
_exptl_crystal.description           ? 
# 
_diffrn.id                     1 
_diffrn.ambient_temp           ? 
_diffrn.ambient_temp_details   ? 
_diffrn.crystal_id             1 
# 
_diffrn_radiation.diffrn_id                        1 
_diffrn_radiation.wavelength_id                    1 
_diffrn_radiation.pdbx_monochromatic_or_laue_m_l   M 
_diffrn_radiation.monochromator                    ? 
_diffrn_radiation.pdbx_diffrn_protocol             'SINGLE WAVELENGTH' 
_diffrn_radiation.pdbx_scattering_type             ? 
# 
_diffrn_radiation_wavelength.id           1 
_diffrn_radiation_wavelength.wavelength   . 
_diffrn_radiation_wavelength.wt           1.0 
# 
_struct.entry_id                  1K9L 
_struct.title                     'Solution Structure of DNA TATGAGCGCTCATA' 
_struct.pdbx_model_details        ? 
_struct.pdbx_CASP_flag            ? 
_struct.pdbx_model_type_details   ? 
# 
_struct_keywords.entry_id        1K9L 
_struct_keywords.pdbx_keywords   DNA 
_struct_keywords.text            'Lac operator, DNA, double-helix, mutant' 
# 
loop_
_struct_asym.id 
_struct_asym.pdbx_blank_PDB_chainid_flag 
_struct_asym.pdbx_modified 
_struct_asym.entity_id 
_struct_asym.details 
A N N 1 ? 
B N N 1 ? 
# 
_struct_ref.id                         1 
_struct_ref.entity_id                  1 
_struct_ref.db_name                    PDB 
_struct_ref.db_code                    1K9L 
_struct_ref.pdbx_db_accession          1K9L 
_struct_ref.pdbx_db_isoform            ? 
_struct_ref.pdbx_seq_one_letter_code   ? 
_struct_ref.pdbx_align_begin           ? 
# 
loop_
_struct_ref_seq.align_id 
_struct_ref_seq.ref_id 
_struct_ref_seq.pdbx_PDB_id_code 
_struct_ref_seq.pdbx_strand_id 
_struct_ref_seq.seq_align_beg 
_struct_ref_seq.pdbx_seq_align_beg_ins_code 
_struct_ref_seq.seq_align_end 
_struct_ref_seq.pdbx_seq_align_end_ins_code 
_struct_ref_seq.pdbx_db_accession 
_struct_ref_seq.db_align_beg 
_struct_ref_seq.pdbx_db_align_beg_ins_code 
_struct_ref_seq.db_align_end 
_struct_ref_seq.pdbx_db_align_end_ins_code 
_struct_ref_seq.pdbx_auth_seq_align_beg 
_struct_ref_seq.pdbx_auth_seq_align_end 
1 1 1K9L A 1 ? 14 ? 1K9L 1  ? 14 ? 1  14 
2 1 1K9L B 1 ? 14 ? 1K9L 15 ? 28 ? 15 28 
# 
_pdbx_struct_assembly.id                   1 
_pdbx_struct_assembly.details              author_defined_assembly 
_pdbx_struct_assembly.method_details       ? 
_pdbx_struct_assembly.oligomeric_details   dimeric 
_pdbx_struct_assembly.oligomeric_count     2 
# 
_pdbx_struct_assembly_gen.assembly_id       1 
_pdbx_struct_assembly_gen.oper_expression   1 
_pdbx_struct_assembly_gen.asym_id_list      A,B 
# 
_pdbx_struct_oper_list.id                   1 
_pdbx_struct_oper_list.type                 'identity operation' 
_pdbx_struct_oper_list.name                 1_555 
_pdbx_struct_oper_list.symmetry_operation   x,y,z 
_pdbx_struct_oper_list.matrix[1][1]         1.0000000000 
_pdbx_struct_oper_list.matrix[1][2]         0.0000000000 
_pdbx_struct_oper_list.matrix[1][3]         0.0000000000 
_pdbx_struct_oper_list.vector[1]            0.0000000000 
_pdbx_struct_oper_list.matrix[2][1]         0.0000000000 
_pdbx_struct_oper_list.matrix[2][2]         1.0000000000 
_pdbx_struct_oper_list.matrix[2][3]         0.0000000000 
_pdbx_struct_oper_list.vector[2]            0.0000000000 
_pdbx_struct_oper_list.matrix[3][1]         0.0000000000 
_pdbx_struct_oper_list.matrix[3][2]         0.0000000000 
_pdbx_struct_oper_list.matrix[3][3]         1.0000000000 
_pdbx_struct_oper_list.vector[3]            0.0000000000 
# 
_struct_biol.id   1 
# 
loop_
_struct_conn.id 
_struct_conn.conn_type_id 
_struct_conn.pdbx_leaving_atom_flag 
_struct_conn.pdbx_PDB_id 
_struct_conn.ptnr1_label_asym_id 
_struct_conn.ptnr1_label_comp_id 
_struct_conn.ptnr1_label_seq_id 
_struct_conn.ptnr1_label_atom_id 
_struct_conn.pdbx_ptnr1_label_alt_id 
_struct_conn.pdbx_ptnr1_PDB_ins_code 
_struct_conn.pdbx_ptnr1_standard_comp_id 
_struct_conn.ptnr1_symmetry 
_struct_conn.ptnr2_label_asym_id 
_struct_conn.ptnr2_label_comp_id 
_struct_conn.ptnr2_label_seq_id 
_struct_conn.ptnr2_label_atom_id 
_struct_conn.pdbx_ptnr2_label_alt_id 
_struct_conn.pdbx_ptnr2_PDB_ins_code 
_struct_conn.ptnr1_auth_asym_id 
_struct_conn.ptnr1_auth_comp_id 
_struct_conn.ptnr1_auth_seq_id 
_struct_conn.ptnr2_auth_asym_id 
_struct_conn.ptnr2_auth_comp_id 
_struct_conn.ptnr2_auth_seq_id 
_struct_conn.ptnr2_symmetry 
_struct_conn.pdbx_ptnr3_label_atom_id 
_struct_conn.pdbx_ptnr3_label_seq_id 
_struct_conn.pdbx_ptnr3_label_comp_id 
_struct_conn.pdbx_ptnr3_label_asym_id 
_struct_conn.pdbx_ptnr3_label_alt_id 
_struct_conn.pdbx_ptnr3_PDB_ins_code 
_struct_conn.details 
_struct_conn.pdbx_dist_value 
_struct_conn.pdbx_value_order 
_struct_conn.pdbx_role 
hydrog1  hydrog ? ? A DT 1  N3 ? ? ? 1_555 B DA 14 N1 ? ? A DT 1  B DA 28 1_555 ? ? ? ? ? ? WATSON-CRICK ? ? ? 
hydrog2  hydrog ? ? A DT 1  O4 ? ? ? 1_555 B DA 14 N6 ? ? A DT 1  B DA 28 1_555 ? ? ? ? ? ? WATSON-CRICK ? ? ? 
hydrog3  hydrog ? ? A DA 2  N1 ? ? ? 1_555 B DT 13 N3 ? ? A DA 2  B DT 27 1_555 ? ? ? ? ? ? WATSON-CRICK ? ? ? 
hydrog4  hydrog ? ? A DA 2  N6 ? ? ? 1_555 B DT 13 O4 ? ? A DA 2  B DT 27 1_555 ? ? ? ? ? ? WATSON-CRICK ? ? ? 
hydrog5  hydrog ? ? A DT 3  N3 ? ? ? 1_555 B DA 12 N1 ? ? A DT 3  B DA 26 1_555 ? ? ? ? ? ? WATSON-CRICK ? ? ? 
hydrog6  hydrog ? ? A DT 3  O4 ? ? ? 1_555 B DA 12 N6 ? ? A DT 3  B DA 26 1_555 ? ? ? ? ? ? WATSON-CRICK ? ? ? 
hydrog7  hydrog ? ? A DG 4  N1 ? ? ? 1_555 B DC 11 N3 ? ? A DG 4  B DC 25 1_555 ? ? ? ? ? ? WATSON-CRICK ? ? ? 
hydrog8  hydrog ? ? A DG 4  N2 ? ? ? 1_555 B DC 11 O2 ? ? A DG 4  B DC 25 1_555 ? ? ? ? ? ? WATSON-CRICK ? ? ? 
hydrog9  hydrog ? ? A DG 4  O6 ? ? ? 1_555 B DC 11 N4 ? ? A DG 4  B DC 25 1_555 ? ? ? ? ? ? WATSON-CRICK ? ? ? 
hydrog10 hydrog ? ? A DA 5  N1 ? ? ? 1_555 B DT 10 N3 ? ? A DA 5  B DT 24 1_555 ? ? ? ? ? ? WATSON-CRICK ? ? ? 
hydrog11 hydrog ? ? A DA 5  N6 ? ? ? 1_555 B DT 10 O4 ? ? A DA 5  B DT 24 1_555 ? ? ? ? ? ? WATSON-CRICK ? ? ? 
hydrog12 hydrog ? ? A DG 6  N1 ? ? ? 1_555 B DC 9  N3 ? ? A DG 6  B DC 23 1_555 ? ? ? ? ? ? WATSON-CRICK ? ? ? 
hydrog13 hydrog ? ? A DG 6  N2 ? ? ? 1_555 B DC 9  O2 ? ? A DG 6  B DC 23 1_555 ? ? ? ? ? ? WATSON-CRICK ? ? ? 
hydrog14 hydrog ? ? A DG 6  O6 ? ? ? 1_555 B DC 9  N4 ? ? A DG 6  B DC 23 1_555 ? ? ? ? ? ? WATSON-CRICK ? ? ? 
hydrog15 hydrog ? ? A DC 7  N3 ? ? ? 1_555 B DG 8  N1 ? ? A DC 7  B DG 22 1_555 ? ? ? ? ? ? WATSON-CRICK ? ? ? 
hydrog16 hydrog ? ? A DC 7  N4 ? ? ? 1_555 B DG 8  O6 ? ? A DC 7  B DG 22 1_555 ? ? ? ? ? ? WATSON-CRICK ? ? ? 
hydrog17 hydrog ? ? A DC 7  O2 ? ? ? 1_555 B DG 8  N2 ? ? A DC 7  B DG 22 1_555 ? ? ? ? ? ? WATSON-CRICK ? ? ? 
hydrog18 hydrog ? ? A DG 8  N1 ? ? ? 1_555 B DC 7  N3 ? ? A DG 8  B DC 21 1_555 ? ? ? ? ? ? WATSON-CRICK ? ? ? 
hydrog19 hydrog ? ? A DG 8  N2 ? ? ? 1_555 B DC 7  O2 ? ? A DG 8  B DC 21 1_555 ? ? ? ? ? ? WATSON-CRICK ? ? ? 
hydrog20 hydrog ? ? A DG 8  O6 ? ? ? 1_555 B DC 7  N4 ? ? A DG 8  B DC 21 1_555 ? ? ? ? ? ? WATSON-CRICK ? ? ? 
hydrog21 hydrog ? ? A DC 9  N3 ? ? ? 1_555 B DG 6  N1 ? ? A DC 9  B DG 20 1_555 ? ? ? ? ? ? WATSON-CRICK ? ? ? 
hydrog22 hydrog ? ? A DC 9  N4 ? ? ? 1_555 B DG 6  O6 ? ? A DC 9  B DG 20 1_555 ? ? ? ? ? ? WATSON-CRICK ? ? ? 
hydrog23 hydrog ? ? A DC 9  O2 ? ? ? 1_555 B DG 6  N2 ? ? A DC 9  B DG 20 1_555 ? ? ? ? ? ? WATSON-CRICK ? ? ? 
hydrog24 hydrog ? ? A DT 10 N3 ? ? ? 1_555 B DA 5  N1 ? ? A DT 10 B DA 19 1_555 ? ? ? ? ? ? WATSON-CRICK ? ? ? 
hydrog25 hydrog ? ? A DT 10 O4 ? ? ? 1_555 B DA 5  N6 ? ? A DT 10 B DA 19 1_555 ? ? ? ? ? ? WATSON-CRICK ? ? ? 
hydrog26 hydrog ? ? A DC 11 N3 ? ? ? 1_555 B DG 4  N1 ? ? A DC 11 B DG 18 1_555 ? ? ? ? ? ? WATSON-CRICK ? ? ? 
hydrog27 hydrog ? ? A DC 11 N4 ? ? ? 1_555 B DG 4  O6 ? ? A DC 11 B DG 18 1_555 ? ? ? ? ? ? WATSON-CRICK ? ? ? 
hydrog28 hydrog ? ? A DC 11 O2 ? ? ? 1_555 B DG 4  N2 ? ? A DC 11 B DG 18 1_555 ? ? ? ? ? ? WATSON-CRICK ? ? ? 
hydrog29 hydrog ? ? A DA 12 N1 ? ? ? 1_555 B DT 3  N3 ? ? A DA 12 B DT 17 1_555 ? ? ? ? ? ? WATSON-CRICK ? ? ? 
hydrog30 hydrog ? ? A DA 12 N6 ? ? ? 1_555 B DT 3  O4 ? ? A DA 12 B DT 17 1_555 ? ? ? ? ? ? WATSON-CRICK ? ? ? 
hydrog31 hydrog ? ? A DT 13 N3 ? ? ? 1_555 B DA 2  N1 ? ? A DT 13 B DA 16 1_555 ? ? ? ? ? ? WATSON-CRICK ? ? ? 
hydrog32 hydrog ? ? A DT 13 O4 ? ? ? 1_555 B DA 2  N6 ? ? A DT 13 B DA 16 1_555 ? ? ? ? ? ? WATSON-CRICK ? ? ? 
hydrog33 hydrog ? ? A DA 14 N1 ? ? ? 1_555 B DT 1  N3 ? ? A DA 14 B DT 15 1_555 ? ? ? ? ? ? WATSON-CRICK ? ? ? 
hydrog34 hydrog ? ? A DA 14 N6 ? ? ? 1_555 B DT 1  O4 ? ? A DA 14 B DT 15 1_555 ? ? ? ? ? ? WATSON-CRICK ? ? ? 
# 
_struct_conn_type.id          hydrog 
_struct_conn_type.criteria    ? 
_struct_conn_type.reference   ? 
# 
loop_
_pdbx_validate_rmsd_angle.id 
_pdbx_validate_rmsd_angle.PDB_model_num 
_pdbx_validate_rmsd_angle.auth_atom_id_1 
_pdbx_validate_rmsd_angle.auth_asym_id_1 
_pdbx_validate_rmsd_angle.auth_comp_id_1 
_pdbx_validate_rmsd_angle.auth_seq_id_1 
_pdbx_validate_rmsd_angle.PDB_ins_code_1 
_pdbx_validate_rmsd_angle.label_alt_id_1 
_pdbx_validate_rmsd_angle.auth_atom_id_2 
_pdbx_validate_rmsd_angle.auth_asym_id_2 
_pdbx_validate_rmsd_angle.auth_comp_id_2 
_pdbx_validate_rmsd_angle.auth_seq_id_2 
_pdbx_validate_rmsd_angle.PDB_ins_code_2 
_pdbx_validate_rmsd_angle.label_alt_id_2 
_pdbx_validate_rmsd_angle.auth_atom_id_3 
_pdbx_validate_rmsd_angle.auth_asym_id_3 
_pdbx_validate_rmsd_angle.auth_comp_id_3 
_pdbx_validate_rmsd_angle.auth_seq_id_3 
_pdbx_validate_rmsd_angle.PDB_ins_code_3 
_pdbx_validate_rmsd_angle.label_alt_id_3 
_pdbx_validate_rmsd_angle.angle_value 
_pdbx_validate_rmsd_angle.angle_target_value 
_pdbx_validate_rmsd_angle.angle_deviation 
_pdbx_validate_rmsd_angle.angle_standard_deviation 
_pdbx_validate_rmsd_angle.linker_flag 
1  1 "O4'" A DT 1  ? ? "C1'" A DT 1  ? ? N1    A DT 1  ? ? 115.81 108.30 7.51  0.30 N 
2  1 "O4'" A DT 3  ? ? "C1'" A DT 3  ? ? "C2'" A DT 3  ? ? 100.77 105.90 -5.13 0.80 N 
3  1 "O4'" A DT 3  ? ? "C1'" A DT 3  ? ? N1    A DT 3  ? ? 111.48 108.30 3.18  0.30 N 
4  1 "O4'" A DG 4  ? ? "C1'" A DG 4  ? ? N9    A DG 4  ? ? 112.33 108.30 4.03  0.30 N 
5  1 "O4'" A DG 6  ? ? "C1'" A DG 6  ? ? N9    A DG 6  ? ? 111.51 108.30 3.21  0.30 N 
6  1 "C4'" A DT 10 ? ? "C3'" A DT 10 ? ? "C2'" A DT 10 ? ? 97.94  102.20 -4.26 0.70 N 
7  1 C6    A DT 10 ? ? C5    A DT 10 ? ? C7    A DT 10 ? ? 117.49 122.90 -5.41 0.60 N 
8  1 "O4'" A DC 11 ? ? "C1'" A DC 11 ? ? N1    A DC 11 ? ? 110.47 108.30 2.17  0.30 N 
9  1 "O4'" A DA 12 ? ? "C1'" A DA 12 ? ? N9    A DA 12 ? ? 110.79 108.30 2.49  0.30 N 
10 1 "O4'" A DT 13 ? ? "C4'" A DT 13 ? ? "C3'" A DT 13 ? ? 109.73 106.00 3.73  0.60 N 
11 1 "C4'" A DT 13 ? ? "C3'" A DT 13 ? ? "C2'" A DT 13 ? ? 97.74  102.20 -4.46 0.70 N 
12 1 "O4'" A DT 13 ? ? "C1'" A DT 13 ? ? "C2'" A DT 13 ? ? 101.05 105.90 -4.85 0.80 N 
13 1 "O4'" A DT 13 ? ? "C1'" A DT 13 ? ? N1    A DT 13 ? ? 110.86 108.30 2.56  0.30 N 
14 1 "O4'" A DA 14 ? ? "C4'" A DA 14 ? ? "C3'" A DA 14 ? ? 109.77 106.00 3.77  0.60 N 
15 1 "O4'" A DA 14 ? ? "C1'" A DA 14 ? ? N9    A DA 14 ? ? 110.87 108.30 2.57  0.30 N 
16 1 "O4'" B DT 15 ? ? "C1'" B DT 15 ? ? N1    B DT 15 ? ? 115.80 108.30 7.50  0.30 N 
17 1 "O4'" B DT 17 ? ? "C1'" B DT 17 ? ? "C2'" B DT 17 ? ? 100.84 105.90 -5.06 0.80 N 
18 1 "O4'" B DT 17 ? ? "C1'" B DT 17 ? ? N1    B DT 17 ? ? 111.45 108.30 3.15  0.30 N 
19 1 "O4'" B DG 18 ? ? "C1'" B DG 18 ? ? N9    B DG 18 ? ? 112.38 108.30 4.08  0.30 N 
20 1 "O4'" B DG 20 ? ? "C1'" B DG 20 ? ? N9    B DG 20 ? ? 111.42 108.30 3.12  0.30 N 
21 1 C6    B DT 24 ? ? C5    B DT 24 ? ? C7    B DT 24 ? ? 117.41 122.90 -5.49 0.60 N 
22 1 "O4'" B DC 25 ? ? "C1'" B DC 25 ? ? N1    B DC 25 ? ? 110.87 108.30 2.57  0.30 N 
23 1 "O4'" B DA 26 ? ? "C1'" B DA 26 ? ? N9    B DA 26 ? ? 111.23 108.30 2.93  0.30 N 
24 1 "O4'" B DT 27 ? ? "C4'" B DT 27 ? ? "C3'" B DT 27 ? ? 109.73 106.00 3.73  0.60 N 
25 1 "C4'" B DT 27 ? ? "C3'" B DT 27 ? ? "C2'" B DT 27 ? ? 97.71  102.20 -4.49 0.70 N 
26 1 "O4'" B DT 27 ? ? "C1'" B DT 27 ? ? "C2'" B DT 27 ? ? 101.02 105.90 -4.88 0.80 N 
27 1 "O4'" B DT 27 ? ? "C1'" B DT 27 ? ? N1    B DT 27 ? ? 111.03 108.30 2.73  0.30 N 
28 1 "O4'" B DA 28 ? ? "C4'" B DA 28 ? ? "C3'" B DA 28 ? ? 109.73 106.00 3.73  0.60 N 
29 1 "O4'" B DA 28 ? ? "C1'" B DA 28 ? ? N9    B DA 28 ? ? 110.97 108.30 2.67  0.30 N 
# 
loop_
_pdbx_validate_planes.id 
_pdbx_validate_planes.PDB_model_num 
_pdbx_validate_planes.auth_comp_id 
_pdbx_validate_planes.auth_asym_id 
_pdbx_validate_planes.auth_seq_id 
_pdbx_validate_planes.PDB_ins_code 
_pdbx_validate_planes.label_alt_id 
_pdbx_validate_planes.rmsd 
_pdbx_validate_planes.type 
1 1 DA A 5  ? ? 0.072 'SIDE CHAIN' 
2 1 DC A 11 ? ? 0.223 'SIDE CHAIN' 
3 1 DT B 17 ? ? 0.060 'SIDE CHAIN' 
4 1 DA B 19 ? ? 0.070 'SIDE CHAIN' 
5 1 DC B 25 ? ? 0.219 'SIDE CHAIN' 
# 
_pdbx_nmr_ensemble.entry_id                                      1K9L 
_pdbx_nmr_ensemble.conformers_calculated_total_number            2 
_pdbx_nmr_ensemble.conformers_submitted_total_number             1 
_pdbx_nmr_ensemble.conformer_selection_criteria                  'back calculated data agree with experimental NOESY spectrum' 
_pdbx_nmr_ensemble.average_constraints_per_residue               ? 
_pdbx_nmr_ensemble.average_constraint_violations_per_residue     ? 
_pdbx_nmr_ensemble.maximum_distance_constraint_violation         ? 
_pdbx_nmr_ensemble.average_distance_constraint_violation         ? 
_pdbx_nmr_ensemble.maximum_upper_distance_constraint_violation   ? 
_pdbx_nmr_ensemble.maximum_lower_distance_constraint_violation   ? 
_pdbx_nmr_ensemble.distance_constraint_violation_method          ? 
_pdbx_nmr_ensemble.maximum_torsion_angle_constraint_violation    ? 
_pdbx_nmr_ensemble.average_torsion_angle_constraint_violation    ? 
_pdbx_nmr_ensemble.torsion_angle_constraint_violation_method     ? 
# 
_pdbx_nmr_representative.entry_id             1K9L 
_pdbx_nmr_representative.conformer_id         ? 
_pdbx_nmr_representative.selection_criteria   'closest to the average' 
# 
_pdbx_nmr_sample_details.solution_id      1 
_pdbx_nmr_sample_details.contents         '3 mM oligonucleotide, 55 mM potassium phosphate, 150 mM KCl, 0.1 mM NaN3' 
_pdbx_nmr_sample_details.solvent_system   '99.96% D2O' 
# 
_pdbx_nmr_exptl_sample_conditions.conditions_id       1 
_pdbx_nmr_exptl_sample_conditions.temperature         298 
_pdbx_nmr_exptl_sample_conditions.pressure            ambient 
_pdbx_nmr_exptl_sample_conditions.pH                  7.4 
_pdbx_nmr_exptl_sample_conditions.ionic_strength      '150 mM KCl' 
_pdbx_nmr_exptl_sample_conditions.pressure_units      ? 
_pdbx_nmr_exptl_sample_conditions.temperature_units   K 
# 
loop_
_pdbx_nmr_exptl.experiment_id 
_pdbx_nmr_exptl.solution_id 
_pdbx_nmr_exptl.conditions_id 
_pdbx_nmr_exptl.type 
1 1 1 '2D NOESY' 
2 1 2 '2D TOCSY' 
# 
_pdbx_nmr_details.entry_id   1K9L 
_pdbx_nmr_details.text       'This structure was determined using standard 2D homonuclear techniques.' 
# 
_pdbx_nmr_refine.entry_id           1K9L 
_pdbx_nmr_refine.method             
;simulated annealing, 
molecular dynamics,  
matrix relaxation
;
_pdbx_nmr_refine.details            ? 
_pdbx_nmr_refine.software_ordinal   1 
# 
loop_
_pdbx_nmr_software.name 
_pdbx_nmr_software.version 
_pdbx_nmr_software.classification 
_pdbx_nmr_software.authors 
_pdbx_nmr_software.ordinal 
Amber  'Versions 3-5' refinement 'Kollman, P.'                                    1 
MORASS 'Version 1.0'  refinement 'Meadows, R.P., Post, C.B. and Gorenstein, D.G.' 2 
# 
loop_
_chem_comp_atom.comp_id 
_chem_comp_atom.atom_id 
_chem_comp_atom.type_symbol 
_chem_comp_atom.pdbx_aromatic_flag 
_chem_comp_atom.pdbx_stereo_config 
_chem_comp_atom.pdbx_ordinal 
DA OP3    O N N 1   
DA P      P N N 2   
DA OP1    O N N 3   
DA OP2    O N N 4   
DA "O5'"  O N N 5   
DA "C5'"  C N N 6   
DA "C4'"  C N R 7   
DA "O4'"  O N N 8   
DA "C3'"  C N S 9   
DA "O3'"  O N N 10  
DA "C2'"  C N N 11  
DA "C1'"  C N R 12  
DA N9     N Y N 13  
DA C8     C Y N 14  
DA N7     N Y N 15  
DA C5     C Y N 16  
DA C6     C Y N 17  
DA N6     N N N 18  
DA N1     N Y N 19  
DA C2     C Y N 20  
DA N3     N Y N 21  
DA C4     C Y N 22  
DA HOP3   H N N 23  
DA HOP2   H N N 24  
DA "H5'"  H N N 25  
DA "H5''" H N N 26  
DA "H4'"  H N N 27  
DA "H3'"  H N N 28  
DA "HO3'" H N N 29  
DA "H2'"  H N N 30  
DA "H2''" H N N 31  
DA "H1'"  H N N 32  
DA H8     H N N 33  
DA H61    H N N 34  
DA H62    H N N 35  
DA H2     H N N 36  
DC OP3    O N N 37  
DC P      P N N 38  
DC OP1    O N N 39  
DC OP2    O N N 40  
DC "O5'"  O N N 41  
DC "C5'"  C N N 42  
DC "C4'"  C N R 43  
DC "O4'"  O N N 44  
DC "C3'"  C N S 45  
DC "O3'"  O N N 46  
DC "C2'"  C N N 47  
DC "C1'"  C N R 48  
DC N1     N N N 49  
DC C2     C N N 50  
DC O2     O N N 51  
DC N3     N N N 52  
DC C4     C N N 53  
DC N4     N N N 54  
DC C5     C N N 55  
DC C6     C N N 56  
DC HOP3   H N N 57  
DC HOP2   H N N 58  
DC "H5'"  H N N 59  
DC "H5''" H N N 60  
DC "H4'"  H N N 61  
DC "H3'"  H N N 62  
DC "HO3'" H N N 63  
DC "H2'"  H N N 64  
DC "H2''" H N N 65  
DC "H1'"  H N N 66  
DC H41    H N N 67  
DC H42    H N N 68  
DC H5     H N N 69  
DC H6     H N N 70  
DG OP3    O N N 71  
DG P      P N N 72  
DG OP1    O N N 73  
DG OP2    O N N 74  
DG "O5'"  O N N 75  
DG "C5'"  C N N 76  
DG "C4'"  C N R 77  
DG "O4'"  O N N 78  
DG "C3'"  C N S 79  
DG "O3'"  O N N 80  
DG "C2'"  C N N 81  
DG "C1'"  C N R 82  
DG N9     N Y N 83  
DG C8     C Y N 84  
DG N7     N Y N 85  
DG C5     C Y N 86  
DG C6     C N N 87  
DG O6     O N N 88  
DG N1     N N N 89  
DG C2     C N N 90  
DG N2     N N N 91  
DG N3     N N N 92  
DG C4     C Y N 93  
DG HOP3   H N N 94  
DG HOP2   H N N 95  
DG "H5'"  H N N 96  
DG "H5''" H N N 97  
DG "H4'"  H N N 98  
DG "H3'"  H N N 99  
DG "HO3'" H N N 100 
DG "H2'"  H N N 101 
DG "H2''" H N N 102 
DG "H1'"  H N N 103 
DG H8     H N N 104 
DG H1     H N N 105 
DG H21    H N N 106 
DG H22    H N N 107 
DT OP3    O N N 108 
DT P      P N N 109 
DT OP1    O N N 110 
DT OP2    O N N 111 
DT "O5'"  O N N 112 
DT "C5'"  C N N 113 
DT "C4'"  C N R 114 
DT "O4'"  O N N 115 
DT "C3'"  C N S 116 
DT "O3'"  O N N 117 
DT "C2'"  C N N 118 
DT "C1'"  C N R 119 
DT N1     N N N 120 
DT C2     C N N 121 
DT O2     O N N 122 
DT N3     N N N 123 
DT C4     C N N 124 
DT O4     O N N 125 
DT C5     C N N 126 
DT C7     C N N 127 
DT C6     C N N 128 
DT HOP3   H N N 129 
DT HOP2   H N N 130 
DT "H5'"  H N N 131 
DT "H5''" H N N 132 
DT "H4'"  H N N 133 
DT "H3'"  H N N 134 
DT "HO3'" H N N 135 
DT "H2'"  H N N 136 
DT "H2''" H N N 137 
DT "H1'"  H N N 138 
DT H3     H N N 139 
DT H71    H N N 140 
DT H72    H N N 141 
DT H73    H N N 142 
DT H6     H N N 143 
# 
loop_
_chem_comp_bond.comp_id 
_chem_comp_bond.atom_id_1 
_chem_comp_bond.atom_id_2 
_chem_comp_bond.value_order 
_chem_comp_bond.pdbx_aromatic_flag 
_chem_comp_bond.pdbx_stereo_config 
_chem_comp_bond.pdbx_ordinal 
DA OP3   P      sing N N 1   
DA OP3   HOP3   sing N N 2   
DA P     OP1    doub N N 3   
DA P     OP2    sing N N 4   
DA P     "O5'"  sing N N 5   
DA OP2   HOP2   sing N N 6   
DA "O5'" "C5'"  sing N N 7   
DA "C5'" "C4'"  sing N N 8   
DA "C5'" "H5'"  sing N N 9   
DA "C5'" "H5''" sing N N 10  
DA "C4'" "O4'"  sing N N 11  
DA "C4'" "C3'"  sing N N 12  
DA "C4'" "H4'"  sing N N 13  
DA "O4'" "C1'"  sing N N 14  
DA "C3'" "O3'"  sing N N 15  
DA "C3'" "C2'"  sing N N 16  
DA "C3'" "H3'"  sing N N 17  
DA "O3'" "HO3'" sing N N 18  
DA "C2'" "C1'"  sing N N 19  
DA "C2'" "H2'"  sing N N 20  
DA "C2'" "H2''" sing N N 21  
DA "C1'" N9     sing N N 22  
DA "C1'" "H1'"  sing N N 23  
DA N9    C8     sing Y N 24  
DA N9    C4     sing Y N 25  
DA C8    N7     doub Y N 26  
DA C8    H8     sing N N 27  
DA N7    C5     sing Y N 28  
DA C5    C6     sing Y N 29  
DA C5    C4     doub Y N 30  
DA C6    N6     sing N N 31  
DA C6    N1     doub Y N 32  
DA N6    H61    sing N N 33  
DA N6    H62    sing N N 34  
DA N1    C2     sing Y N 35  
DA C2    N3     doub Y N 36  
DA C2    H2     sing N N 37  
DA N3    C4     sing Y N 38  
DC OP3   P      sing N N 39  
DC OP3   HOP3   sing N N 40  
DC P     OP1    doub N N 41  
DC P     OP2    sing N N 42  
DC P     "O5'"  sing N N 43  
DC OP2   HOP2   sing N N 44  
DC "O5'" "C5'"  sing N N 45  
DC "C5'" "C4'"  sing N N 46  
DC "C5'" "H5'"  sing N N 47  
DC "C5'" "H5''" sing N N 48  
DC "C4'" "O4'"  sing N N 49  
DC "C4'" "C3'"  sing N N 50  
DC "C4'" "H4'"  sing N N 51  
DC "O4'" "C1'"  sing N N 52  
DC "C3'" "O3'"  sing N N 53  
DC "C3'" "C2'"  sing N N 54  
DC "C3'" "H3'"  sing N N 55  
DC "O3'" "HO3'" sing N N 56  
DC "C2'" "C1'"  sing N N 57  
DC "C2'" "H2'"  sing N N 58  
DC "C2'" "H2''" sing N N 59  
DC "C1'" N1     sing N N 60  
DC "C1'" "H1'"  sing N N 61  
DC N1    C2     sing N N 62  
DC N1    C6     sing N N 63  
DC C2    O2     doub N N 64  
DC C2    N3     sing N N 65  
DC N3    C4     doub N N 66  
DC C4    N4     sing N N 67  
DC C4    C5     sing N N 68  
DC N4    H41    sing N N 69  
DC N4    H42    sing N N 70  
DC C5    C6     doub N N 71  
DC C5    H5     sing N N 72  
DC C6    H6     sing N N 73  
DG OP3   P      sing N N 74  
DG OP3   HOP3   sing N N 75  
DG P     OP1    doub N N 76  
DG P     OP2    sing N N 77  
DG P     "O5'"  sing N N 78  
DG OP2   HOP2   sing N N 79  
DG "O5'" "C5'"  sing N N 80  
DG "C5'" "C4'"  sing N N 81  
DG "C5'" "H5'"  sing N N 82  
DG "C5'" "H5''" sing N N 83  
DG "C4'" "O4'"  sing N N 84  
DG "C4'" "C3'"  sing N N 85  
DG "C4'" "H4'"  sing N N 86  
DG "O4'" "C1'"  sing N N 87  
DG "C3'" "O3'"  sing N N 88  
DG "C3'" "C2'"  sing N N 89  
DG "C3'" "H3'"  sing N N 90  
DG "O3'" "HO3'" sing N N 91  
DG "C2'" "C1'"  sing N N 92  
DG "C2'" "H2'"  sing N N 93  
DG "C2'" "H2''" sing N N 94  
DG "C1'" N9     sing N N 95  
DG "C1'" "H1'"  sing N N 96  
DG N9    C8     sing Y N 97  
DG N9    C4     sing Y N 98  
DG C8    N7     doub Y N 99  
DG C8    H8     sing N N 100 
DG N7    C5     sing Y N 101 
DG C5    C6     sing N N 102 
DG C5    C4     doub Y N 103 
DG C6    O6     doub N N 104 
DG C6    N1     sing N N 105 
DG N1    C2     sing N N 106 
DG N1    H1     sing N N 107 
DG C2    N2     sing N N 108 
DG C2    N3     doub N N 109 
DG N2    H21    sing N N 110 
DG N2    H22    sing N N 111 
DG N3    C4     sing N N 112 
DT OP3   P      sing N N 113 
DT OP3   HOP3   sing N N 114 
DT P     OP1    doub N N 115 
DT P     OP2    sing N N 116 
DT P     "O5'"  sing N N 117 
DT OP2   HOP2   sing N N 118 
DT "O5'" "C5'"  sing N N 119 
DT "C5'" "C4'"  sing N N 120 
DT "C5'" "H5'"  sing N N 121 
DT "C5'" "H5''" sing N N 122 
DT "C4'" "O4'"  sing N N 123 
DT "C4'" "C3'"  sing N N 124 
DT "C4'" "H4'"  sing N N 125 
DT "O4'" "C1'"  sing N N 126 
DT "C3'" "O3'"  sing N N 127 
DT "C3'" "C2'"  sing N N 128 
DT "C3'" "H3'"  sing N N 129 
DT "O3'" "HO3'" sing N N 130 
DT "C2'" "C1'"  sing N N 131 
DT "C2'" "H2'"  sing N N 132 
DT "C2'" "H2''" sing N N 133 
DT "C1'" N1     sing N N 134 
DT "C1'" "H1'"  sing N N 135 
DT N1    C2     sing N N 136 
DT N1    C6     sing N N 137 
DT C2    O2     doub N N 138 
DT C2    N3     sing N N 139 
DT N3    C4     sing N N 140 
DT N3    H3     sing N N 141 
DT C4    O4     doub N N 142 
DT C4    C5     sing N N 143 
DT C5    C7     sing N N 144 
DT C5    C6     doub N N 145 
DT C7    H71    sing N N 146 
DT C7    H72    sing N N 147 
DT C7    H73    sing N N 148 
DT C6    H6     sing N N 149 
# 
loop_
_ndb_struct_conf_na.entry_id 
_ndb_struct_conf_na.feature 
1K9L 'double helix'        
1K9L 'b-form double helix' 
# 
loop_
_ndb_struct_na_base_pair.model_number 
_ndb_struct_na_base_pair.i_label_asym_id 
_ndb_struct_na_base_pair.i_label_comp_id 
_ndb_struct_na_base_pair.i_label_seq_id 
_ndb_struct_na_base_pair.i_symmetry 
_ndb_struct_na_base_pair.j_label_asym_id 
_ndb_struct_na_base_pair.j_label_comp_id 
_ndb_struct_na_base_pair.j_label_seq_id 
_ndb_struct_na_base_pair.j_symmetry 
_ndb_struct_na_base_pair.shear 
_ndb_struct_na_base_pair.stretch 
_ndb_struct_na_base_pair.stagger 
_ndb_struct_na_base_pair.buckle 
_ndb_struct_na_base_pair.propeller 
_ndb_struct_na_base_pair.opening 
_ndb_struct_na_base_pair.pair_number 
_ndb_struct_na_base_pair.pair_name 
_ndb_struct_na_base_pair.i_auth_asym_id 
_ndb_struct_na_base_pair.i_auth_seq_id 
_ndb_struct_na_base_pair.i_PDB_ins_code 
_ndb_struct_na_base_pair.j_auth_asym_id 
_ndb_struct_na_base_pair.j_auth_seq_id 
_ndb_struct_na_base_pair.j_PDB_ins_code 
_ndb_struct_na_base_pair.hbond_type_28 
_ndb_struct_na_base_pair.hbond_type_12 
1 A DT 1  1_555 B DA 14 1_555 -0.054 -0.134 -0.041 7.752   -11.289 0.633  1  A_DT1:DA28_B  A 1  ? B 28 ? 20 1 
1 A DA 2  1_555 B DT 13 1_555 -0.033 -0.147 0.011  -1.159  -9.044  0.717  2  A_DA2:DT27_B  A 2  ? B 27 ? 20 1 
1 A DT 3  1_555 B DA 12 1_555 -0.077 -0.107 -0.094 4.775   -10.943 -7.047 3  A_DT3:DA26_B  A 3  ? B 26 ? 20 1 
1 A DG 4  1_555 B DC 11 1_555 0.057  -0.166 0.903  22.277  -8.835  -2.778 4  A_DG4:DC25_B  A 4  ? B 25 ? 19 1 
1 A DA 5  1_555 B DT 10 1_555 0.057  -0.107 -0.092 13.581  -18.765 -4.118 5  A_DA5:DT24_B  A 5  ? B 24 ? 20 1 
1 A DG 6  1_555 B DC 9  1_555 -0.496 -0.314 0.368  4.136   -19.028 -2.517 6  A_DG6:DC23_B  A 6  ? B 23 ? 19 1 
1 A DC 7  1_555 B DG 8  1_555 0.369  -0.200 0.064  -7.932  -8.660  -0.994 7  A_DC7:DG22_B  A 7  ? B 22 ? 19 1 
1 A DG 8  1_555 B DC 7  1_555 -0.352 -0.191 0.024  5.536   -6.978  -0.675 8  A_DG8:DC21_B  A 8  ? B 21 ? 19 1 
1 A DC 9  1_555 B DG 6  1_555 0.499  -0.317 0.353  -3.721  -18.866 -2.642 9  A_DC9:DG20_B  A 9  ? B 20 ? 19 1 
1 A DT 10 1_555 B DA 5  1_555 -0.118 -0.087 -0.027 -14.239 -18.915 -5.117 10 A_DT10:DA19_B A 10 ? B 19 ? 20 1 
1 A DC 11 1_555 B DG 4  1_555 -0.010 -0.169 0.829  -21.362 -11.277 -2.550 11 A_DC11:DG18_B A 11 ? B 18 ? 19 1 
1 A DA 12 1_555 B DT 3  1_555 0.084  -0.108 -0.042 -3.160  -9.076  -6.830 12 A_DA12:DT17_B A 12 ? B 17 ? 20 1 
1 A DT 13 1_555 B DA 2  1_555 -0.007 -0.139 0.037  2.972   -7.313  0.511  13 A_DT13:DA16_B A 13 ? B 16 ? 20 1 
1 A DA 14 1_555 B DT 1  1_555 0.044  -0.139 -0.067 -4.416  -11.761 0.297  14 A_DA14:DT15_B A 14 ? B 15 ? 20 1 
# 
loop_
_ndb_struct_na_base_pair_step.model_number 
_ndb_struct_na_base_pair_step.i_label_asym_id_1 
_ndb_struct_na_base_pair_step.i_label_comp_id_1 
_ndb_struct_na_base_pair_step.i_label_seq_id_1 
_ndb_struct_na_base_pair_step.i_symmetry_1 
_ndb_struct_na_base_pair_step.j_label_asym_id_1 
_ndb_struct_na_base_pair_step.j_label_comp_id_1 
_ndb_struct_na_base_pair_step.j_label_seq_id_1 
_ndb_struct_na_base_pair_step.j_symmetry_1 
_ndb_struct_na_base_pair_step.i_label_asym_id_2 
_ndb_struct_na_base_pair_step.i_label_comp_id_2 
_ndb_struct_na_base_pair_step.i_label_seq_id_2 
_ndb_struct_na_base_pair_step.i_symmetry_2 
_ndb_struct_na_base_pair_step.j_label_asym_id_2 
_ndb_struct_na_base_pair_step.j_label_comp_id_2 
_ndb_struct_na_base_pair_step.j_label_seq_id_2 
_ndb_struct_na_base_pair_step.j_symmetry_2 
_ndb_struct_na_base_pair_step.shift 
_ndb_struct_na_base_pair_step.slide 
_ndb_struct_na_base_pair_step.rise 
_ndb_struct_na_base_pair_step.tilt 
_ndb_struct_na_base_pair_step.roll 
_ndb_struct_na_base_pair_step.twist 
_ndb_struct_na_base_pair_step.x_displacement 
_ndb_struct_na_base_pair_step.y_displacement 
_ndb_struct_na_base_pair_step.helical_rise 
_ndb_struct_na_base_pair_step.inclination 
_ndb_struct_na_base_pair_step.tip 
_ndb_struct_na_base_pair_step.helical_twist 
_ndb_struct_na_base_pair_step.step_number 
_ndb_struct_na_base_pair_step.step_name 
_ndb_struct_na_base_pair_step.i_auth_asym_id_1 
_ndb_struct_na_base_pair_step.i_auth_seq_id_1 
_ndb_struct_na_base_pair_step.i_PDB_ins_code_1 
_ndb_struct_na_base_pair_step.j_auth_asym_id_1 
_ndb_struct_na_base_pair_step.j_auth_seq_id_1 
_ndb_struct_na_base_pair_step.j_PDB_ins_code_1 
_ndb_struct_na_base_pair_step.i_auth_asym_id_2 
_ndb_struct_na_base_pair_step.i_auth_seq_id_2 
_ndb_struct_na_base_pair_step.i_PDB_ins_code_2 
_ndb_struct_na_base_pair_step.j_auth_asym_id_2 
_ndb_struct_na_base_pair_step.j_auth_seq_id_2 
_ndb_struct_na_base_pair_step.j_PDB_ins_code_2 
1 A DT 1  1_555 B DA 14 1_555 A DA 2  1_555 B DT 13 1_555 0.117  -0.390 3.288 2.600   8.912  42.619 -1.380 0.092  3.150 12.090 
-3.528  43.572 1  AA_DT1DA2:DT27DA28_BB   A 1  ? B 28 ? A 2  ? B 27 ? 
1 A DA 2  1_555 B DT 13 1_555 A DT 3  1_555 B DA 12 1_555 -0.397 -1.176 3.228 -0.279  -4.213 30.480 -1.383 0.693  3.359 -7.964 
0.528   30.765 2  AA_DA2DT3:DA26DT27_BB   A 2  ? B 27 ? A 3  ? B 26 ? 
1 A DT 3  1_555 B DA 12 1_555 A DG 4  1_555 B DC 11 1_555 -0.106 -1.691 2.719 -15.288 5.189  32.011 -3.356 -1.602 2.248 8.749  
25.775  35.757 3  AA_DT3DG4:DC25DA26_BB   A 3  ? B 26 ? A 4  ? B 25 ? 
1 A DG 4  1_555 B DC 11 1_555 A DA 5  1_555 B DT 10 1_555 -0.628 -1.239 3.486 7.467   6.416  35.599 -2.839 2.019  3.036 10.254 
-11.934 36.892 4  AA_DG4DA5:DT24DC25_BB   A 4  ? B 25 ? A 5  ? B 24 ? 
1 A DA 5  1_555 B DT 10 1_555 A DG 6  1_555 B DC 9  1_555 0.151  -0.898 3.285 -6.611  8.364  31.151 -2.970 -1.360 2.864 15.034 
11.883  32.882 5  AA_DA5DG6:DC23DT24_BB   A 5  ? B 24 ? A 6  ? B 23 ? 
1 A DG 6  1_555 B DC 9  1_555 A DC 7  1_555 B DG 8  1_555 0.117  -0.484 3.412 4.106   2.998  42.351 -0.979 0.269  3.368 4.132  
-5.659  42.641 6  AA_DG6DC7:DG22DC23_BB   A 6  ? B 23 ? A 7  ? B 22 ? 
1 A DC 7  1_555 B DG 8  1_555 A DG 8  1_555 B DC 7  1_555 0.021  0.071  2.904 0.366   7.859  28.969 -1.307 0.027  2.825 15.356 
-0.715  29.996 7  AA_DC7DG8:DC21DG22_BB   A 7  ? B 22 ? A 8  ? B 21 ? 
1 A DG 8  1_555 B DC 7  1_555 A DC 9  1_555 B DG 6  1_555 -0.178 -0.445 3.356 -4.178  3.424  41.781 -0.981 -0.193 3.313 4.777  
5.828   42.113 8  AA_DG8DC9:DG20DC21_BB   A 8  ? B 21 ? A 9  ? B 20 ? 
1 A DC 9  1_555 B DG 6  1_555 A DT 10 1_555 B DA 5  1_555 -0.201 -0.912 3.318 5.752   8.308  30.721 -3.075 1.355  2.895 15.176 
-10.507 32.302 9  AA_DC9DT10:DA19DG20_BB  A 9  ? B 20 ? A 10 ? B 19 ? 
1 A DT 10 1_555 B DA 5  1_555 A DC 11 1_555 B DG 4  1_555 0.696  -1.119 3.434 -6.151  6.488  36.338 -2.605 -1.899 3.042 10.214 
9.684   37.386 10 AA_DT10DC11:DG18DA19_BB A 10 ? B 19 ? A 11 ? B 18 ? 
1 A DC 11 1_555 B DG 4  1_555 A DA 12 1_555 B DT 3  1_555 0.052  -1.620 2.710 14.284  5.767  32.297 -3.307 1.559  2.225 9.709  
-24.046 35.694 11 AA_DC11DA12:DT17DG18_BB A 11 ? B 18 ? A 12 ? B 17 ? 
1 A DA 12 1_555 B DT 3  1_555 A DT 13 1_555 B DA 2  1_555 0.379  -1.142 3.217 -0.044  -3.702 30.311 -1.430 -0.728 3.329 -7.048 
0.084   30.532 12 AA_DA12DT13:DA16DT17_BB A 12 ? B 17 ? A 13 ? B 16 ? 
1 A DT 13 1_555 B DA 2  1_555 A DA 14 1_555 B DT 1  1_555 -0.168 -0.321 3.273 -2.397  8.381  42.544 -1.244 -0.004 3.162 11.407 
3.262   43.387 13 AA_DT13DA14:DT15DA16_BB A 13 ? B 16 ? A 14 ? B 15 ? 
# 
loop_
_pdbx_nmr_spectrometer.spectrometer_id 
_pdbx_nmr_spectrometer.type 
_pdbx_nmr_spectrometer.manufacturer 
_pdbx_nmr_spectrometer.model 
_pdbx_nmr_spectrometer.field_strength 
1 ? Varian VXRS 500 
2 ? Varian VXRS 600 
# 
_atom_sites.entry_id                    1K9L 
_atom_sites.fract_transf_matrix[1][1]   1.000000 
_atom_sites.fract_transf_matrix[1][2]   0.000000 
_atom_sites.fract_transf_matrix[1][3]   0.000000 
_atom_sites.fract_transf_matrix[2][1]   0.000000 
_atom_sites.fract_transf_matrix[2][2]   1.000000 
_atom_sites.fract_transf_matrix[2][3]   0.000000 
_atom_sites.fract_transf_matrix[3][1]   0.000000 
_atom_sites.fract_transf_matrix[3][2]   0.000000 
_atom_sites.fract_transf_matrix[3][3]   1.000000 
_atom_sites.fract_transf_vector[1]      0.00000 
_atom_sites.fract_transf_vector[2]      0.00000 
_atom_sites.fract_transf_vector[3]      0.00000 
# 
loop_
_atom_type.symbol 
C 
H 
N 
O 
P 
# 
loop_
_atom_site.group_PDB 
_atom_site.id 
_atom_site.type_symbol 
_atom_site.label_atom_id 
_atom_site.label_alt_id 
_atom_site.label_comp_id 
_atom_site.label_asym_id 
_atom_site.label_entity_id 
_atom_site.label_seq_id 
_atom_site.pdbx_PDB_ins_code 
_atom_site.Cartn_x 
_atom_site.Cartn_y 
_atom_site.Cartn_z 
_atom_site.occupancy 
_atom_site.B_iso_or_equiv 
_atom_site.pdbx_formal_charge 
_atom_site.auth_seq_id 
_atom_site.auth_comp_id 
_atom_site.auth_asym_id 
_atom_site.auth_atom_id 
_atom_site.pdbx_PDB_model_num 
ATOM 1   O "O5'"  . DT A 1 1  ? -15.654 -13.792 4.722   1.00 10.00 ? 1  DT A "O5'"  1 
ATOM 2   C "C5'"  . DT A 1 1  ? -15.230 -15.049 5.207   1.00 10.00 ? 1  DT A "C5'"  1 
ATOM 3   C "C4'"  . DT A 1 1  ? -14.117 -15.622 4.323   1.00 10.00 ? 1  DT A "C4'"  1 
ATOM 4   O "O4'"  . DT A 1 1  ? -14.569 -15.660 2.960   1.00 10.00 ? 1  DT A "O4'"  1 
ATOM 5   C "C3'"  . DT A 1 1  ? -12.848 -14.778 4.361   1.00 10.00 ? 1  DT A "C3'"  1 
ATOM 6   O "O3'"  . DT A 1 1  ? -11.847 -15.402 5.144   1.00 10.00 ? 1  DT A "O3'"  1 
ATOM 7   C "C2'"  . DT A 1 1  ? -12.451 -14.697 2.882   1.00 10.00 ? 1  DT A "C2'"  1 
ATOM 8   C "C1'"  . DT A 1 1  ? -13.466 -15.506 2.073   1.00 10.00 ? 1  DT A "C1'"  1 
ATOM 9   N N1     . DT A 1 1  ? -13.756 -14.800 0.791   1.00 10.00 ? 1  DT A N1     1 
ATOM 10  C C2     . DT A 1 1  ? -13.015 -15.156 -0.335  1.00 10.00 ? 1  DT A C2     1 
ATOM 11  O O2     . DT A 1 1  ? -12.120 -15.995 -0.326  1.00 10.00 ? 1  DT A O2     1 
ATOM 12  N N3     . DT A 1 1  ? -13.337 -14.510 -1.510  1.00 10.00 ? 1  DT A N3     1 
ATOM 13  C C4     . DT A 1 1  ? -14.261 -13.505 -1.663  1.00 10.00 ? 1  DT A C4     1 
ATOM 14  O O4     . DT A 1 1  ? -14.478 -13.043 -2.781  1.00 10.00 ? 1  DT A O4     1 
ATOM 15  C C5     . DT A 1 1  ? -14.894 -13.090 -0.425  1.00 10.00 ? 1  DT A C5     1 
ATOM 16  C C7     . DT A 1 1  ? -15.867 -11.925 -0.442  1.00 10.00 ? 1  DT A C7     1 
ATOM 17  C C6     . DT A 1 1  ? -14.627 -13.743 0.736   1.00 10.00 ? 1  DT A C6     1 
ATOM 18  H "H5'"  . DT A 1 1  ? -16.079 -15.732 5.203   1.00 10.00 ? 1  DT A "H5'"  1 
ATOM 19  H "H5''" . DT A 1 1  ? -14.867 -14.938 6.230   1.00 10.00 ? 1  DT A "H5''" 1 
ATOM 20  H "H4'"  . DT A 1 1  ? -13.843 -16.590 4.762   1.00 10.00 ? 1  DT A "H4'"  1 
ATOM 21  H "H3'"  . DT A 1 1  ? -13.098 -13.811 4.805   1.00 10.00 ? 1  DT A "H3'"  1 
ATOM 22  H "H2'"  . DT A 1 1  ? -12.494 -13.643 2.588   1.00 10.00 ? 1  DT A "H2'"  1 
ATOM 23  H "H2''" . DT A 1 1  ? -11.470 -15.143 2.710   1.00 10.00 ? 1  DT A "H2''" 1 
ATOM 24  H "H1'"  . DT A 1 1  ? -13.118 -16.501 1.782   1.00 10.00 ? 1  DT A "H1'"  1 
ATOM 25  H H3     . DT A 1 1  ? -12.819 -14.791 -2.336  1.00 10.00 ? 1  DT A H3     1 
ATOM 26  H H71    . DT A 1 1  ? -16.160 -11.632 0.566   1.00 10.00 ? 1  DT A H71    1 
ATOM 27  H H72    . DT A 1 1  ? -15.397 -11.074 -0.937  1.00 10.00 ? 1  DT A H72    1 
ATOM 28  H H73    . DT A 1 1  ? -16.756 -12.210 -1.007  1.00 10.00 ? 1  DT A H73    1 
ATOM 29  H H6     . DT A 1 1  ? -15.077 -13.421 1.653   1.00 10.00 ? 1  DT A H6     1 
ATOM 30  H "HO5'" . DT A 1 1  ? -15.908 -13.895 3.802   1.00 10.00 ? 1  DT A "HO5'" 1 
ATOM 31  P P      . DA A 1 2  ? -10.470 -14.645 5.529   1.00 10.00 ? 2  DA A P      1 
ATOM 32  O OP1    . DA A 1 2  ? -9.913  -15.305 6.729   1.00 10.00 ? 2  DA A OP1    1 
ATOM 33  O OP2    . DA A 1 2  ? -10.736 -13.191 5.544   1.00 10.00 ? 2  DA A OP2    1 
ATOM 34  O "O5'"  . DA A 1 2  ? -9.501  -14.961 4.283   1.00 10.00 ? 2  DA A "O5'"  1 
ATOM 35  C "C5'"  . DA A 1 2  ? -9.042  -16.277 4.042   1.00 10.00 ? 2  DA A "C5'"  1 
ATOM 36  C "C4'"  . DA A 1 2  ? -8.133  -16.344 2.809   1.00 10.00 ? 2  DA A "C4'"  1 
ATOM 37  O "O4'"  . DA A 1 2  ? -8.833  -15.921 1.644   1.00 10.00 ? 2  DA A "O4'"  1 
ATOM 38  C "C3'"  . DA A 1 2  ? -6.860  -15.505 2.961   1.00 10.00 ? 2  DA A "C3'"  1 
ATOM 39  O "O3'"  . DA A 1 2  ? -5.765  -16.300 2.522   1.00 10.00 ? 2  DA A "O3'"  1 
ATOM 40  C "C2'"  . DA A 1 2  ? -7.147  -14.341 2.022   1.00 10.00 ? 2  DA A "C2'"  1 
ATOM 41  C "C1'"  . DA A 1 2  ? -8.103  -14.905 0.978   1.00 10.00 ? 2  DA A "C1'"  1 
ATOM 42  N N9     . DA A 1 2  ? -9.060  -13.896 0.466   1.00 10.00 ? 2  DA A N9     1 
ATOM 43  C C8     . DA A 1 2  ? -10.053 -13.240 1.152   1.00 10.00 ? 2  DA A C8     1 
ATOM 44  N N7     . DA A 1 2  ? -10.848 -12.525 0.402   1.00 10.00 ? 2  DA A N7     1 
ATOM 45  C C5     . DA A 1 2  ? -10.327 -12.704 -0.874  1.00 10.00 ? 2  DA A C5     1 
ATOM 46  C C6     . DA A 1 2  ? -10.703 -12.224 -2.142  1.00 10.00 ? 2  DA A C6     1 
ATOM 47  N N6     . DA A 1 2  ? -11.754 -11.426 -2.325  1.00 10.00 ? 2  DA A N6     1 
ATOM 48  N N1     . DA A 1 2  ? -9.975  -12.574 -3.213  1.00 10.00 ? 2  DA A N1     1 
ATOM 49  C C2     . DA A 1 2  ? -8.924  -13.368 -3.043  1.00 10.00 ? 2  DA A C2     1 
ATOM 50  N N3     . DA A 1 2  ? -8.476  -13.898 -1.914  1.00 10.00 ? 2  DA A N3     1 
ATOM 51  C C4     . DA A 1 2  ? -9.230  -13.526 -0.848  1.00 10.00 ? 2  DA A C4     1 
ATOM 52  H "H5'"  . DA A 1 2  ? -9.896  -16.937 3.883   1.00 10.00 ? 2  DA A "H5'"  1 
ATOM 53  H "H5''" . DA A 1 2  ? -8.481  -16.635 4.908   1.00 10.00 ? 2  DA A "H5''" 1 
ATOM 54  H "H4'"  . DA A 1 2  ? -7.851  -17.387 2.673   1.00 10.00 ? 2  DA A "H4'"  1 
ATOM 55  H "H3'"  . DA A 1 2  ? -6.700  -15.150 3.985   1.00 10.00 ? 2  DA A "H3'"  1 
ATOM 56  H "H2'"  . DA A 1 2  ? -7.616  -13.524 2.565   1.00 10.00 ? 2  DA A "H2'"  1 
ATOM 57  H "H2''" . DA A 1 2  ? -6.214  -14.032 1.581   1.00 10.00 ? 2  DA A "H2''" 1 
ATOM 58  H "H1'"  . DA A 1 2  ? -7.519  -15.304 0.145   1.00 10.00 ? 2  DA A "H1'"  1 
ATOM 59  H H8     . DA A 1 2  ? -10.170 -13.327 2.224   1.00 10.00 ? 2  DA A H8     1 
ATOM 60  H H61    . DA A 1 2  ? -12.035 -11.143 -3.257  1.00 10.00 ? 2  DA A H61    1 
ATOM 61  H H62    . DA A 1 2  ? -12.270 -11.132 -1.511  1.00 10.00 ? 2  DA A H62    1 
ATOM 62  H H2     . DA A 1 2  ? -8.371  -13.624 -3.933  1.00 10.00 ? 2  DA A H2     1 
ATOM 63  P P      . DT A 1 3  ? -4.227  -15.808 2.601   1.00 10.00 ? 3  DT A P      1 
ATOM 64  O OP1    . DT A 1 3  ? -3.363  -17.007 2.564   1.00 10.00 ? 3  DT A OP1    1 
ATOM 65  O OP2    . DT A 1 3  ? -4.100  -14.840 3.711   1.00 10.00 ? 3  DT A OP2    1 
ATOM 66  O "O5'"  . DT A 1 3  ? -4.039  -15.014 1.211   1.00 10.00 ? 3  DT A "O5'"  1 
ATOM 67  C "C5'"  . DT A 1 3  ? -4.056  -15.705 -0.023  1.00 10.00 ? 3  DT A "C5'"  1 
ATOM 68  C "C4'"  . DT A 1 3  ? -4.019  -14.741 -1.214  1.00 10.00 ? 3  DT A "C4'"  1 
ATOM 69  O "O4'"  . DT A 1 3  ? -5.189  -13.934 -1.279  1.00 10.00 ? 3  DT A "O4'"  1 
ATOM 70  C "C3'"  . DT A 1 3  ? -2.809  -13.790 -1.205  1.00 10.00 ? 3  DT A "C3'"  1 
ATOM 71  O "O3'"  . DT A 1 3  ? -2.067  -13.972 -2.401  1.00 10.00 ? 3  DT A "O3'"  1 
ATOM 72  C "C2'"  . DT A 1 3  ? -3.499  -12.429 -1.131  1.00 10.00 ? 3  DT A "C2'"  1 
ATOM 73  C "C1'"  . DT A 1 3  ? -4.802  -12.714 -1.878  1.00 10.00 ? 3  DT A "C1'"  1 
ATOM 74  N N1     . DT A 1 3  ? -5.871  -11.673 -1.741  1.00 10.00 ? 3  DT A N1     1 
ATOM 75  C C2     . DT A 1 3  ? -6.450  -11.147 -2.901  1.00 10.00 ? 3  DT A C2     1 
ATOM 76  O O2     . DT A 1 3  ? -6.041  -11.383 -4.033  1.00 10.00 ? 3  DT A O2     1 
ATOM 77  N N3     . DT A 1 3  ? -7.548  -10.323 -2.734  1.00 10.00 ? 3  DT A N3     1 
ATOM 78  C C4     . DT A 1 3  ? -8.079  -9.928  -1.525  1.00 10.00 ? 3  DT A C4     1 
ATOM 79  O O4     . DT A 1 3  ? -9.082  -9.223  -1.492  1.00 10.00 ? 3  DT A O4     1 
ATOM 80  C C5     . DT A 1 3  ? -7.400  -10.460 -0.363  1.00 10.00 ? 3  DT A C5     1 
ATOM 81  C C7     . DT A 1 3  ? -7.865  -10.078 1.031   1.00 10.00 ? 3  DT A C7     1 
ATOM 82  C C6     . DT A 1 3  ? -6.351  -11.305 -0.505  1.00 10.00 ? 3  DT A C6     1 
ATOM 83  H "H5'"  . DT A 1 3  ? -4.962  -16.309 -0.097  1.00 10.00 ? 3  DT A "H5'"  1 
ATOM 84  H "H5''" . DT A 1 3  ? -3.189  -16.366 -0.077  1.00 10.00 ? 3  DT A "H5''" 1 
ATOM 85  H "H4'"  . DT A 1 3  ? -3.985  -15.341 -2.126  1.00 10.00 ? 3  DT A "H4'"  1 
ATOM 86  H "H3'"  . DT A 1 3  ? -2.161  -13.933 -0.343  1.00 10.00 ? 3  DT A "H3'"  1 
ATOM 87  H "H2'"  . DT A 1 3  ? -3.688  -12.220 -0.076  1.00 10.00 ? 3  DT A "H2'"  1 
ATOM 88  H "H2''" . DT A 1 3  ? -2.869  -11.664 -1.575  1.00 10.00 ? 3  DT A "H2''" 1 
ATOM 89  H "H1'"  . DT A 1 3  ? -4.560  -12.907 -2.923  1.00 10.00 ? 3  DT A "H1'"  1 
ATOM 90  H H3     . DT A 1 3  ? -7.963  -9.937  -3.582  1.00 10.00 ? 3  DT A H3     1 
ATOM 91  H H71    . DT A 1 3  ? -7.008  -9.823  1.654   1.00 10.00 ? 3  DT A H71    1 
ATOM 92  H H72    . DT A 1 3  ? -8.529  -9.214  0.985   1.00 10.00 ? 3  DT A H72    1 
ATOM 93  H H73    . DT A 1 3  ? -8.405  -10.910 1.481   1.00 10.00 ? 3  DT A H73    1 
ATOM 94  H H6     . DT A 1 3  ? -5.910  -11.697 0.391   1.00 10.00 ? 3  DT A H6     1 
ATOM 95  P P      . DG A 1 4  ? -0.622  -13.289 -2.634  1.00 10.00 ? 4  DG A P      1 
ATOM 96  O OP1    . DG A 1 4  ? 0.211   -14.233 -3.413  1.00 10.00 ? 4  DG A OP1    1 
ATOM 97  O OP2    . DG A 1 4  ? -0.129  -12.763 -1.344  1.00 10.00 ? 4  DG A OP2    1 
ATOM 98  O "O5'"  . DG A 1 4  ? -0.979  -12.038 -3.581  1.00 10.00 ? 4  DG A "O5'"  1 
ATOM 99  C "C5'"  . DG A 1 4  ? -1.067  -12.197 -4.984  1.00 10.00 ? 4  DG A "C5'"  1 
ATOM 100 C "C4'"  . DG A 1 4  ? -1.563  -10.913 -5.658  1.00 10.00 ? 4  DG A "C4'"  1 
ATOM 101 O "O4'"  . DG A 1 4  ? -2.863  -10.585 -5.187  1.00 10.00 ? 4  DG A "O4'"  1 
ATOM 102 C "C3'"  . DG A 1 4  ? -0.666  -9.694  -5.422  1.00 10.00 ? 4  DG A "C3'"  1 
ATOM 103 O "O3'"  . DG A 1 4  ? 0.108   -9.442  -6.589  1.00 10.00 ? 4  DG A "O3'"  1 
ATOM 104 C "C2'"  . DG A 1 4  ? -1.684  -8.583  -5.161  1.00 10.00 ? 4  DG A "C2'"  1 
ATOM 105 C "C1'"  . DG A 1 4  ? -3.056  -9.200  -5.385  1.00 10.00 ? 4  DG A "C1'"  1 
ATOM 106 N N9     . DG A 1 4  ? -4.041  -8.633  -4.447  1.00 10.00 ? 4  DG A N9     1 
ATOM 107 C C8     . DG A 1 4  ? -4.123  -8.784  -3.092  1.00 10.00 ? 4  DG A C8     1 
ATOM 108 N N7     . DG A 1 4  ? -5.143  -8.173  -2.547  1.00 10.00 ? 4  DG A N7     1 
ATOM 109 C C5     . DG A 1 4  ? -5.755  -7.530  -3.627  1.00 10.00 ? 4  DG A C5     1 
ATOM 110 C C6     . DG A 1 4  ? -6.905  -6.686  -3.694  1.00 10.00 ? 4  DG A C6     1 
ATOM 111 O O6     . DG A 1 4  ? -7.710  -6.417  -2.805  1.00 10.00 ? 4  DG A O6     1 
ATOM 112 N N1     . DG A 1 4  ? -7.088  -6.125  -4.953  1.00 10.00 ? 4  DG A N1     1 
ATOM 113 C C2     . DG A 1 4  ? -6.304  -6.404  -6.045  1.00 10.00 ? 4  DG A C2     1 
ATOM 114 N N2     . DG A 1 4  ? -6.577  -5.816  -7.201  1.00 10.00 ? 4  DG A N2     1 
ATOM 115 N N3     . DG A 1 4  ? -5.269  -7.241  -6.009  1.00 10.00 ? 4  DG A N3     1 
ATOM 116 C C4     . DG A 1 4  ? -5.044  -7.762  -4.777  1.00 10.00 ? 4  DG A C4     1 
ATOM 117 H "H5'"  . DG A 1 4  ? -1.763  -13.004 -5.217  1.00 10.00 ? 4  DG A "H5'"  1 
ATOM 118 H "H5''" . DG A 1 4  ? -0.085  -12.449 -5.386  1.00 10.00 ? 4  DG A "H5''" 1 
ATOM 119 H "H4'"  . DG A 1 4  ? -1.581  -11.086 -6.733  1.00 10.00 ? 4  DG A "H4'"  1 
ATOM 120 H "H3'"  . DG A 1 4  ? -0.043  -9.880  -4.543  1.00 10.00 ? 4  DG A "H3'"  1 
ATOM 121 H "H2'"  . DG A 1 4  ? -1.565  -8.219  -4.142  1.00 10.00 ? 4  DG A "H2'"  1 
ATOM 122 H "H2''" . DG A 1 4  ? -1.581  -7.772  -5.866  1.00 10.00 ? 4  DG A "H2''" 1 
ATOM 123 H "H1'"  . DG A 1 4  ? -3.408  -8.993  -6.400  1.00 10.00 ? 4  DG A "H1'"  1 
ATOM 124 H H8     . DG A 1 4  ? -3.391  -9.363  -2.549  1.00 10.00 ? 4  DG A H8     1 
ATOM 125 H H1     . DG A 1 4  ? -7.865  -5.477  -5.060  1.00 10.00 ? 4  DG A H1     1 
ATOM 126 H H21    . DG A 1 4  ? -7.343  -5.163  -7.302  1.00 10.00 ? 4  DG A H21    1 
ATOM 127 H H22    . DG A 1 4  ? -6.000  -6.042  -7.995  1.00 10.00 ? 4  DG A H22    1 
ATOM 128 P P      . DA A 1 5  ? 1.125   -8.189  -6.729  1.00 10.00 ? 5  DA A P      1 
ATOM 129 O OP1    . DA A 1 5  ? 2.082   -8.505  -7.812  1.00 10.00 ? 5  DA A OP1    1 
ATOM 130 O OP2    . DA A 1 5  ? 1.626   -7.839  -5.383  1.00 10.00 ? 5  DA A OP2    1 
ATOM 131 O "O5'"  . DA A 1 5  ? 0.187   -6.974  -7.245  1.00 10.00 ? 5  DA A "O5'"  1 
ATOM 132 C "C5'"  . DA A 1 5  ? -0.523  -7.068  -8.467  1.00 10.00 ? 5  DA A "C5'"  1 
ATOM 133 C "C4'"  . DA A 1 5  ? -1.293  -5.779  -8.802  1.00 10.00 ? 5  DA A "C4'"  1 
ATOM 134 O "O4'"  . DA A 1 5  ? -2.332  -5.516  -7.864  1.00 10.00 ? 5  DA A "O4'"  1 
ATOM 135 C "C3'"  . DA A 1 5  ? -0.381  -4.549  -8.844  1.00 10.00 ? 5  DA A "C3'"  1 
ATOM 136 O "O3'"  . DA A 1 5  ? -0.701  -3.797  -10.006 1.00 10.00 ? 5  DA A "O3'"  1 
ATOM 137 C "C2'"  . DA A 1 5  ? -0.765  -3.842  -7.555  1.00 10.00 ? 5  DA A "C2'"  1 
ATOM 138 C "C1'"  . DA A 1 5  ? -2.251  -4.164  -7.430  1.00 10.00 ? 5  DA A "C1'"  1 
ATOM 139 N N9     . DA A 1 5  ? -2.815  -4.071  -6.059  1.00 10.00 ? 5  DA A N9     1 
ATOM 140 C C8     . DA A 1 5  ? -2.362  -4.688  -4.921  1.00 10.00 ? 5  DA A C8     1 
ATOM 141 N N7     . DA A 1 5  ? -3.186  -4.656  -3.910  1.00 10.00 ? 5  DA A N7     1 
ATOM 142 C C5     . DA A 1 5  ? -4.248  -3.906  -4.397  1.00 10.00 ? 5  DA A C5     1 
ATOM 143 C C6     . DA A 1 5  ? -5.447  -3.466  -3.810  1.00 10.00 ? 5  DA A C6     1 
ATOM 144 N N6     . DA A 1 5  ? -5.776  -3.799  -2.565  1.00 10.00 ? 5  DA A N6     1 
ATOM 145 N N1     . DA A 1 5  ? -6.279  -2.681  -4.515  1.00 10.00 ? 5  DA A N1     1 
ATOM 146 C C2     . DA A 1 5  ? -5.940  -2.377  -5.767  1.00 10.00 ? 5  DA A C2     1 
ATOM 147 N N3     . DA A 1 5  ? -4.857  -2.745  -6.444  1.00 10.00 ? 5  DA A N3     1 
ATOM 148 C C4     . DA A 1 5  ? -4.028  -3.517  -5.693  1.00 10.00 ? 5  DA A C4     1 
ATOM 149 H "H5'"  . DA A 1 5  ? -1.231  -7.896  -8.419  1.00 10.00 ? 5  DA A "H5'"  1 
ATOM 150 H "H5''" . DA A 1 5  ? 0.184   -7.262  -9.276  1.00 10.00 ? 5  DA A "H5''" 1 
ATOM 151 H "H4'"  . DA A 1 5  ? -1.748  -5.921  -9.784  1.00 10.00 ? 5  DA A "H4'"  1 
ATOM 152 H "H3'"  . DA A 1 5  ? 0.677   -4.800  -8.817  1.00 10.00 ? 5  DA A "H3'"  1 
ATOM 153 H "H2'"  . DA A 1 5  ? -0.199  -4.268  -6.730  1.00 10.00 ? 5  DA A "H2'"  1 
ATOM 154 H "H2''" . DA A 1 5  ? -0.545  -2.793  -7.685  1.00 10.00 ? 5  DA A "H2''" 1 
ATOM 155 H "H1'"  . DA A 1 5  ? -2.778  -3.485  -8.094  1.00 10.00 ? 5  DA A "H1'"  1 
ATOM 156 H H8     . DA A 1 5  ? -1.403  -5.172  -4.878  1.00 10.00 ? 5  DA A H8     1 
ATOM 157 H H61    . DA A 1 5  ? -6.665  -3.525  -2.164  1.00 10.00 ? 5  DA A H61    1 
ATOM 158 H H62    . DA A 1 5  ? -5.121  -4.364  -2.045  1.00 10.00 ? 5  DA A H62    1 
ATOM 159 H H2     . DA A 1 5  ? -6.638  -1.750  -6.300  1.00 10.00 ? 5  DA A H2     1 
ATOM 160 P P      . DG A 1 6  ? 0.134   -2.493  -10.462 1.00 10.00 ? 6  DG A P      1 
ATOM 161 O OP1    . DG A 1 6  ? -0.073  -2.302  -11.914 1.00 10.00 ? 6  DG A OP1    1 
ATOM 162 O OP2    . DG A 1 6  ? 1.506   -2.597  -9.920  1.00 10.00 ? 6  DG A OP2    1 
ATOM 163 O "O5'"  . DG A 1 6  ? -0.628  -1.305  -9.687  1.00 10.00 ? 6  DG A "O5'"  1 
ATOM 164 C "C5'"  . DG A 1 6  ? -1.859  -0.803  -10.170 1.00 10.00 ? 6  DG A "C5'"  1 
ATOM 165 C "C4'"  . DG A 1 6  ? -2.459  0.236   -9.216  1.00 10.00 ? 6  DG A "C4'"  1 
ATOM 166 O "O4'"  . DG A 1 6  ? -2.873  -0.365  -7.998  1.00 10.00 ? 6  DG A "O4'"  1 
ATOM 167 C "C3'"  . DG A 1 6  ? -1.494  1.381   -8.858  1.00 10.00 ? 6  DG A "C3'"  1 
ATOM 168 O "O3'"  . DG A 1 6  ? -2.128  2.611   -9.171  1.00 10.00 ? 6  DG A "O3'"  1 
ATOM 169 C "C2'"  . DG A 1 6  ? -1.317  1.177   -7.351  1.00 10.00 ? 6  DG A "C2'"  1 
ATOM 170 C "C1'"  . DG A 1 6  ? -2.678  0.600   -6.986  1.00 10.00 ? 6  DG A "C1'"  1 
ATOM 171 N N9     . DG A 1 6  ? -2.713  -0.009  -5.643  1.00 10.00 ? 6  DG A N9     1 
ATOM 172 C C8     . DG A 1 6  ? -1.864  -0.947  -5.141  1.00 10.00 ? 6  DG A C8     1 
ATOM 173 N N7     . DG A 1 6  ? -2.167  -1.380  -3.952  1.00 10.00 ? 6  DG A N7     1 
ATOM 174 C C5     . DG A 1 6  ? -3.310  -0.655  -3.632  1.00 10.00 ? 6  DG A C5     1 
ATOM 175 C C6     . DG A 1 6  ? -4.110  -0.675  -2.453  1.00 10.00 ? 6  DG A C6     1 
ATOM 176 O O6     . DG A 1 6  ? -4.007  -1.421  -1.484  1.00 10.00 ? 6  DG A O6     1 
ATOM 177 N N1     . DG A 1 6  ? -5.114  0.275   -2.473  1.00 10.00 ? 6  DG A N1     1 
ATOM 178 C C2     . DG A 1 6  ? -5.348  1.136   -3.517  1.00 10.00 ? 6  DG A C2     1 
ATOM 179 N N2     . DG A 1 6  ? -6.291  2.059   -3.372  1.00 10.00 ? 6  DG A N2     1 
ATOM 180 N N3     . DG A 1 6  ? -4.629  1.137   -4.644  1.00 10.00 ? 6  DG A N3     1 
ATOM 181 C C4     . DG A 1 6  ? -3.627  0.220   -4.643  1.00 10.00 ? 6  DG A C4     1 
ATOM 182 H "H5'"  . DG A 1 6  ? -2.570  -1.621  -10.291 1.00 10.00 ? 6  DG A "H5'"  1 
ATOM 183 H "H5''" . DG A 1 6  ? -1.696  -0.331  -11.139 1.00 10.00 ? 6  DG A "H5''" 1 
ATOM 184 H "H4'"  . DG A 1 6  ? -3.346  0.655   -9.695  1.00 10.00 ? 6  DG A "H4'"  1 
ATOM 185 H "H3'"  . DG A 1 6  ? -0.544  1.294   -9.389  1.00 10.00 ? 6  DG A "H3'"  1 
ATOM 186 H "H2'"  . DG A 1 6  ? -0.530  0.439   -7.203  1.00 10.00 ? 6  DG A "H2'"  1 
ATOM 187 H "H2''" . DG A 1 6  ? -1.082  2.084   -6.801  1.00 10.00 ? 6  DG A "H2''" 1 
ATOM 188 H "H1'"  . DG A 1 6  ? -3.434  1.373   -7.055  1.00 10.00 ? 6  DG A "H1'"  1 
ATOM 189 H H8     . DG A 1 6  ? -1.025  -1.282  -5.708  1.00 10.00 ? 6  DG A H8     1 
ATOM 190 H H1     . DG A 1 6  ? -5.707  0.296   -1.645  1.00 10.00 ? 6  DG A H1     1 
ATOM 191 H H21    . DG A 1 6  ? -6.801  2.157   -2.501  1.00 10.00 ? 6  DG A H21    1 
ATOM 192 H H22    . DG A 1 6  ? -6.477  2.674   -4.148  1.00 10.00 ? 6  DG A H22    1 
ATOM 193 P P      . DC A 1 7  ? -1.376  4.030   -9.034  1.00 10.00 ? 7  DC A P      1 
ATOM 194 O OP1    . DC A 1 7  ? -1.851  4.908   -10.126 1.00 10.00 ? 7  DC A OP1    1 
ATOM 195 O OP2    . DC A 1 7  ? 0.072   3.784   -8.859  1.00 10.00 ? 7  DC A OP2    1 
ATOM 196 O "O5'"  . DC A 1 7  ? -1.961  4.589   -7.644  1.00 10.00 ? 7  DC A "O5'"  1 
ATOM 197 C "C5'"  . DC A 1 7  ? -3.233  5.210   -7.589  1.00 10.00 ? 7  DC A "C5'"  1 
ATOM 198 C "C4'"  . DC A 1 7  ? -3.546  5.672   -6.162  1.00 10.00 ? 7  DC A "C4'"  1 
ATOM 199 O "O4'"  . DC A 1 7  ? -3.623  4.552   -5.297  1.00 10.00 ? 7  DC A "O4'"  1 
ATOM 200 C "C3'"  . DC A 1 7  ? -2.485  6.633   -5.605  1.00 10.00 ? 7  DC A "C3'"  1 
ATOM 201 O "O3'"  . DC A 1 7  ? -3.044  7.928   -5.456  1.00 10.00 ? 7  DC A "O3'"  1 
ATOM 202 C "C2'"  . DC A 1 7  ? -2.099  5.982   -4.285  1.00 10.00 ? 7  DC A "C2'"  1 
ATOM 203 C "C1'"  . DC A 1 7  ? -3.188  4.959   -4.017  1.00 10.00 ? 7  DC A "C1'"  1 
ATOM 204 N N1     . DC A 1 7  ? -2.613  3.804   -3.299  1.00 10.00 ? 7  DC A N1     1 
ATOM 205 C C2     . DC A 1 7  ? -3.108  3.388   -2.070  1.00 10.00 ? 7  DC A C2     1 
ATOM 206 O O2     . DC A 1 7  ? -4.009  3.998   -1.501  1.00 10.00 ? 7  DC A O2     1 
ATOM 207 N N3     . DC A 1 7  ? -2.573  2.276   -1.486  1.00 10.00 ? 7  DC A N3     1 
ATOM 208 C C4     . DC A 1 7  ? -1.555  1.633   -2.078  1.00 10.00 ? 7  DC A C4     1 
ATOM 209 N N4     . DC A 1 7  ? -1.137  0.494   -1.538  1.00 10.00 ? 7  DC A N4     1 
ATOM 210 C C5     . DC A 1 7  ? -0.996  2.081   -3.319  1.00 10.00 ? 7  DC A C5     1 
ATOM 211 C C6     . DC A 1 7  ? -1.564  3.168   -3.874  1.00 10.00 ? 7  DC A C6     1 
ATOM 212 H "H5'"  . DC A 1 7  ? -4.001  4.509   -7.918  1.00 10.00 ? 7  DC A "H5'"  1 
ATOM 213 H "H5''" . DC A 1 7  ? -3.244  6.085   -8.243  1.00 10.00 ? 7  DC A "H5''" 1 
ATOM 214 H "H4'"  . DC A 1 7  ? -4.517  6.169   -6.150  1.00 10.00 ? 7  DC A "H4'"  1 
ATOM 215 H "H3'"  . DC A 1 7  ? -1.599  6.636   -6.246  1.00 10.00 ? 7  DC A "H3'"  1 
ATOM 216 H "H2'"  . DC A 1 7  ? -1.085  5.610   -4.404  1.00 10.00 ? 7  DC A "H2'"  1 
ATOM 217 H "H2''" . DC A 1 7  ? -2.099  6.608   -3.423  1.00 10.00 ? 7  DC A "H2''" 1 
ATOM 218 H "H1'"  . DC A 1 7  ? -3.984  5.471   -3.480  1.00 10.00 ? 7  DC A "H1'"  1 
ATOM 219 H H41    . DC A 1 7  ? -1.557  0.176   -0.672  1.00 10.00 ? 7  DC A H41    1 
ATOM 220 H H42    . DC A 1 7  ? -0.503  -0.102  -2.042  1.00 10.00 ? 7  DC A H42    1 
ATOM 221 H H5     . DC A 1 7  ? -0.161  1.648   -3.842  1.00 10.00 ? 7  DC A H5     1 
ATOM 222 H H6     . DC A 1 7  ? -1.184  3.613   -4.778  1.00 10.00 ? 7  DC A H6     1 
ATOM 223 P P      . DG A 1 8  ? -2.196  9.183   -4.899  1.00 10.00 ? 8  DG A P      1 
ATOM 224 O OP1    . DG A 1 8  ? -2.785  10.420  -5.457  1.00 10.00 ? 8  DG A OP1    1 
ATOM 225 O OP2    . DG A 1 8  ? -0.755  8.903   -5.076  1.00 10.00 ? 8  DG A OP2    1 
ATOM 226 O "O5'"  . DG A 1 8  ? -2.522  9.146   -3.324  1.00 10.00 ? 8  DG A "O5'"  1 
ATOM 227 C "C5'"  . DG A 1 8  ? -3.820  9.450   -2.849  1.00 10.00 ? 8  DG A "C5'"  1 
ATOM 228 C "C4'"  . DG A 1 8  ? -3.895  9.309   -1.325  1.00 10.00 ? 8  DG A "C4'"  1 
ATOM 229 O "O4'"  . DG A 1 8  ? -3.603  7.971   -0.954  1.00 10.00 ? 8  DG A "O4'"  1 
ATOM 230 C "C3'"  . DG A 1 8  ? -2.911  10.236  -0.597  1.00 10.00 ? 8  DG A "C3'"  1 
ATOM 231 O "O3'"  . DG A 1 8  ? -3.596  10.873  0.470   1.00 10.00 ? 8  DG A "O3'"  1 
ATOM 232 C "C2'"  . DG A 1 8  ? -1.840  9.264   -0.133  1.00 10.00 ? 8  DG A "C2'"  1 
ATOM 233 C "C1'"  . DG A 1 8  ? -2.643  7.985   0.085   1.00 10.00 ? 8  DG A "C1'"  1 
ATOM 234 N N9     . DG A 1 8  ? -1.803  6.776   -0.020  1.00 10.00 ? 8  DG A N9     1 
ATOM 235 C C8     . DG A 1 8  ? -0.860  6.509   -0.970  1.00 10.00 ? 8  DG A C8     1 
ATOM 236 N N7     . DG A 1 8  ? -0.313  5.329   -0.872  1.00 10.00 ? 8  DG A N7     1 
ATOM 237 C C5     . DG A 1 8  ? -0.928  4.777   0.251   1.00 10.00 ? 8  DG A C5     1 
ATOM 238 C C6     . DG A 1 8  ? -0.724  3.519   0.897   1.00 10.00 ? 8  DG A C6     1 
ATOM 239 O O6     . DG A 1 8  ? 0.001   2.594   0.541   1.00 10.00 ? 8  DG A O6     1 
ATOM 240 N N1     . DG A 1 8  ? -1.459  3.389   2.066   1.00 10.00 ? 8  DG A N1     1 
ATOM 241 C C2     . DG A 1 8  ? -2.336  4.338   2.532   1.00 10.00 ? 8  DG A C2     1 
ATOM 242 N N2     . DG A 1 8  ? -2.981  4.109   3.668   1.00 10.00 ? 8  DG A N2     1 
ATOM 243 N N3     . DG A 1 8  ? -2.558  5.505   1.922   1.00 10.00 ? 8  DG A N3     1 
ATOM 244 C C4     . DG A 1 8  ? -1.826  5.666   0.790   1.00 10.00 ? 8  DG A C4     1 
ATOM 245 H "H5'"  . DG A 1 8  ? -4.543  8.770   -3.299  1.00 10.00 ? 8  DG A "H5'"  1 
ATOM 246 H "H5''" . DG A 1 8  ? -4.082  10.473  -3.122  1.00 10.00 ? 8  DG A "H5''" 1 
ATOM 247 H "H4'"  . DG A 1 8  ? -4.914  9.545   -1.013  1.00 10.00 ? 8  DG A "H4'"  1 
ATOM 248 H "H3'"  . DG A 1 8  ? -2.459  10.952  -1.282  1.00 10.00 ? 8  DG A "H3'"  1 
ATOM 249 H "H2'"  . DG A 1 8  ? -1.133  9.175   -0.955  1.00 10.00 ? 8  DG A "H2'"  1 
ATOM 250 H "H2''" . DG A 1 8  ? -1.314  9.606   0.751   1.00 10.00 ? 8  DG A "H2''" 1 
ATOM 251 H "H1'"  . DG A 1 8  ? -3.140  8.035   1.051   1.00 10.00 ? 8  DG A "H1'"  1 
ATOM 252 H H8     . DG A 1 8  ? -0.616  7.248   -1.718  1.00 10.00 ? 8  DG A H8     1 
ATOM 253 H H1     . DG A 1 8  ? -1.308  2.525   2.589   1.00 10.00 ? 8  DG A H1     1 
ATOM 254 H H21    . DG A 1 8  ? -2.819  3.265   4.204   1.00 10.00 ? 8  DG A H21    1 
ATOM 255 H H22    . DG A 1 8  ? -3.634  4.799   3.999   1.00 10.00 ? 8  DG A H22    1 
ATOM 256 P P      . DC A 1 9  ? -2.884  11.913  1.478   1.00 10.00 ? 9  DC A P      1 
ATOM 257 O OP1    . DC A 1 9  ? -3.852  12.986  1.796   1.00 10.00 ? 9  DC A OP1    1 
ATOM 258 O OP2    . DC A 1 9  ? -1.546  12.254  0.947   1.00 10.00 ? 9  DC A OP2    1 
ATOM 259 O "O5'"  . DC A 1 9  ? -2.689  11.004  2.791   1.00 10.00 ? 9  DC A "O5'"  1 
ATOM 260 C "C5'"  . DC A 1 9  ? -3.796  10.687  3.617   1.00 10.00 ? 9  DC A "C5'"  1 
ATOM 261 C "C4'"  . DC A 1 9  ? -3.400  9.671   4.692   1.00 10.00 ? 9  DC A "C4'"  1 
ATOM 262 O "O4'"  . DC A 1 9  ? -2.919  8.493   4.078   1.00 10.00 ? 9  DC A "O4'"  1 
ATOM 263 C "C3'"  . DC A 1 9  ? -2.349  10.198  5.682   1.00 10.00 ? 9  DC A "C3'"  1 
ATOM 264 O "O3'"  . DC A 1 9  ? -2.905  10.293  6.983   1.00 10.00 ? 9  DC A "O3'"  1 
ATOM 265 C "C2'"  . DC A 1 9  ? -1.267  9.120   5.605   1.00 10.00 ? 9  DC A "C2'"  1 
ATOM 266 C "C1'"  . DC A 1 9  ? -1.909  7.940   4.892   1.00 10.00 ? 9  DC A "C1'"  1 
ATOM 267 N N1     . DC A 1 9  ? -0.883  7.316   4.036   1.00 10.00 ? 9  DC A N1     1 
ATOM 268 C C2     . DC A 1 9  ? -0.282  6.120   4.394   1.00 10.00 ? 9  DC A C2     1 
ATOM 269 O O2     . DC A 1 9  ? -0.590  5.524   5.424   1.00 10.00 ? 9  DC A O2     1 
ATOM 270 N N3     . DC A 1 9  ? 0.682   5.602   3.582   1.00 10.00 ? 9  DC A N3     1 
ATOM 271 C C4     . DC A 1 9  ? 1.070   6.262   2.485   1.00 10.00 ? 9  DC A C4     1 
ATOM 272 N N4     . DC A 1 9  ? 1.945   5.680   1.676   1.00 10.00 ? 9  DC A N4     1 
ATOM 273 C C5     . DC A 1 9  ? 0.534   7.546   2.153   1.00 10.00 ? 9  DC A C5     1 
ATOM 274 C C6     . DC A 1 9  ? -0.440  8.018   2.958   1.00 10.00 ? 9  DC A C6     1 
ATOM 275 H "H5'"  . DC A 1 9  ? -4.590  10.252  3.007   1.00 10.00 ? 9  DC A "H5'"  1 
ATOM 276 H "H5''" . DC A 1 9  ? -4.172  11.591  4.095   1.00 10.00 ? 9  DC A "H5''" 1 
ATOM 277 H "H4'"  . DC A 1 9  ? -4.286  9.384   5.244   1.00 10.00 ? 9  DC A "H4'"  1 
ATOM 278 H "H3'"  . DC A 1 9  ? -1.973  11.172  5.342   1.00 10.00 ? 9  DC A "H3'"  1 
ATOM 279 H "H2'"  . DC A 1 9  ? -0.422  9.537   5.069   1.00 10.00 ? 9  DC A "H2'"  1 
ATOM 280 H "H2''" . DC A 1 9  ? -0.911  8.735   6.545   1.00 10.00 ? 9  DC A "H2''" 1 
ATOM 281 H "H1'"  . DC A 1 9  ? -2.359  7.260   5.616   1.00 10.00 ? 9  DC A "H1'"  1 
ATOM 282 H H41    . DC A 1 9  ? 2.255   4.740   1.895   1.00 10.00 ? 9  DC A H41    1 
ATOM 283 H H42    . DC A 1 9  ? 2.184   6.100   0.793   1.00 10.00 ? 9  DC A H42    1 
ATOM 284 H H5     . DC A 1 9  ? 0.850   8.152   1.322   1.00 10.00 ? 9  DC A H5     1 
ATOM 285 H H6     . DC A 1 9  ? -0.884  8.990   2.816   1.00 10.00 ? 9  DC A H6     1 
ATOM 286 P P      . DT A 1 10 ? -2.112  10.986  8.210   1.00 10.00 ? 10 DT A P      1 
ATOM 287 O OP1    . DT A 1 10 ? -3.093  11.282  9.277   1.00 10.00 ? 10 DT A OP1    1 
ATOM 288 O OP2    . DT A 1 10 ? -1.264  12.069  7.668   1.00 10.00 ? 10 DT A OP2    1 
ATOM 289 O "O5'"  . DT A 1 10 ? -1.142  9.814   8.738   1.00 10.00 ? 10 DT A "O5'"  1 
ATOM 290 C "C5'"  . DT A 1 10 ? -1.665  8.701   9.438   1.00 10.00 ? 10 DT A "C5'"  1 
ATOM 291 C "C4'"  . DT A 1 10 ? -0.566  7.684   9.771   1.00 10.00 ? 10 DT A "C4'"  1 
ATOM 292 O "O4'"  . DT A 1 10 ? -0.046  7.069   8.608   1.00 10.00 ? 10 DT A "O4'"  1 
ATOM 293 C "C3'"  . DT A 1 10 ? 0.593   8.252   10.609  1.00 10.00 ? 10 DT A "C3'"  1 
ATOM 294 O "O3'"  . DT A 1 10 ? 0.921   7.366   11.666  1.00 10.00 ? 10 DT A "O3'"  1 
ATOM 295 C "C2'"  . DT A 1 10 ? 1.650   8.270   9.519   1.00 10.00 ? 10 DT A "C2'"  1 
ATOM 296 C "C1'"  . DT A 1 10 ? 1.341   6.948   8.814   1.00 10.00 ? 10 DT A "C1'"  1 
ATOM 297 N N1     . DT A 1 10 ? 1.999   6.827   7.500   1.00 10.00 ? 10 DT A N1     1 
ATOM 298 C C2     . DT A 1 10 ? 2.795   5.734   7.159   1.00 10.00 ? 10 DT A C2     1 
ATOM 299 O O2     . DT A 1 10 ? 2.973   4.769   7.894   1.00 10.00 ? 10 DT A O2     1 
ATOM 300 N N3     . DT A 1 10 ? 3.429   5.809   5.929   1.00 10.00 ? 10 DT A N3     1 
ATOM 301 C C4     . DT A 1 10 ? 3.367   6.882   5.057   1.00 10.00 ? 10 DT A C4     1 
ATOM 302 O O4     . DT A 1 10 ? 4.004   6.865   4.009   1.00 10.00 ? 10 DT A O4     1 
ATOM 303 C C5     . DT A 1 10 ? 2.518   7.975   5.504   1.00 10.00 ? 10 DT A C5     1 
ATOM 304 C C7     . DT A 1 10 ? 2.485   9.299   4.784   1.00 10.00 ? 10 DT A C7     1 
ATOM 305 C C6     . DT A 1 10 ? 1.866   7.889   6.676   1.00 10.00 ? 10 DT A C6     1 
ATOM 306 H "H5'"  . DT A 1 10 ? -2.427  8.211   8.829   1.00 10.00 ? 10 DT A "H5'"  1 
ATOM 307 H "H5''" . DT A 1 10 ? -2.123  9.040   10.368  1.00 10.00 ? 10 DT A "H5''" 1 
ATOM 308 H "H4'"  . DT A 1 10 ? -1.007  6.863   10.293  1.00 10.00 ? 10 DT A "H4'"  1 
ATOM 309 H "H3'"  . DT A 1 10 ? 0.352   9.250   10.981  1.00 10.00 ? 10 DT A "H3'"  1 
ATOM 310 H "H2'"  . DT A 1 10 ? 1.387   9.152   8.963   1.00 10.00 ? 10 DT A "H2'"  1 
ATOM 311 H "H2''" . DT A 1 10 ? 2.684   8.400   9.786   1.00 10.00 ? 10 DT A "H2''" 1 
ATOM 312 H "H1'"  . DT A 1 10 ? 1.576   6.134   9.486   1.00 10.00 ? 10 DT A "H1'"  1 
ATOM 313 H H3     . DT A 1 10 ? 4.025   5.024   5.662   1.00 10.00 ? 10 DT A H3     1 
ATOM 314 H H71    . DT A 1 10 ? 3.473   9.755   4.852   1.00 10.00 ? 10 DT A H71    1 
ATOM 315 H H72    . DT A 1 10 ? 2.256   9.136   3.731   1.00 10.00 ? 10 DT A H72    1 
ATOM 316 H H73    . DT A 1 10 ? 1.760   9.993   5.209   1.00 10.00 ? 10 DT A H73    1 
ATOM 317 H H6     . DT A 1 10 ? 1.201   8.656   7.024   1.00 10.00 ? 10 DT A H6     1 
ATOM 318 P P      . DC A 1 11 ? 2.065   7.709   12.752  1.00 10.00 ? 11 DC A P      1 
ATOM 319 O OP1    . DC A 1 11 ? 1.657   7.129   14.050  1.00 10.00 ? 11 DC A OP1    1 
ATOM 320 O OP2    . DC A 1 11 ? 2.377   9.153   12.659  1.00 10.00 ? 11 DC A OP2    1 
ATOM 321 O "O5'"  . DC A 1 11 ? 3.353   6.891   12.230  1.00 10.00 ? 11 DC A "O5'"  1 
ATOM 322 C "C5'"  . DC A 1 11 ? 4.636   7.489   12.220  1.00 10.00 ? 11 DC A "C5'"  1 
ATOM 323 C "C4'"  . DC A 1 11 ? 5.740   6.436   12.038  1.00 10.00 ? 11 DC A "C4'"  1 
ATOM 324 O "O4'"  . DC A 1 11 ? 5.518   5.670   10.861  1.00 10.00 ? 11 DC A "O4'"  1 
ATOM 325 C "C3'"  . DC A 1 11 ? 7.114   7.117   11.920  1.00 10.00 ? 11 DC A "C3'"  1 
ATOM 326 O "O3'"  . DC A 1 11 ? 8.099   6.384   12.621  1.00 10.00 ? 11 DC A "O3'"  1 
ATOM 327 C "C2'"  . DC A 1 11 ? 7.313   7.096   10.419  1.00 10.00 ? 11 DC A "C2'"  1 
ATOM 328 C "C1'"  . DC A 1 11 ? 6.646   5.779   10.014  1.00 10.00 ? 11 DC A "C1'"  1 
ATOM 329 N N1     . DC A 1 11 ? 6.222   5.932   8.606   1.00 10.00 ? 11 DC A N1     1 
ATOM 330 C C2     . DC A 1 11 ? 7.096   5.496   7.619   1.00 10.00 ? 11 DC A C2     1 
ATOM 331 O O2     . DC A 1 11 ? 7.759   4.477   7.774   1.00 10.00 ? 11 DC A O2     1 
ATOM 332 N N3     . DC A 1 11 ? 7.225   6.221   6.469   1.00 10.00 ? 11 DC A N3     1 
ATOM 333 C C4     . DC A 1 11 ? 6.561   7.374   6.333   1.00 10.00 ? 11 DC A C4     1 
ATOM 334 N N4     . DC A 1 11 ? 6.694   8.057   5.200   1.00 10.00 ? 11 DC A N4     1 
ATOM 335 C C5     . DC A 1 11 ? 5.630   7.814   7.326   1.00 10.00 ? 11 DC A C5     1 
ATOM 336 C C6     . DC A 1 11 ? 5.435   7.014   8.383   1.00 10.00 ? 11 DC A C6     1 
ATOM 337 H "H5'"  . DC A 1 11 ? 4.806   7.989   13.175  1.00 10.00 ? 11 DC A "H5'"  1 
ATOM 338 H "H5''" . DC A 1 11 ? 4.682   8.231   11.423  1.00 10.00 ? 11 DC A "H5''" 1 
ATOM 339 H "H4'"  . DC A 1 11 ? 5.720   5.770   12.895  1.00 10.00 ? 11 DC A "H4'"  1 
ATOM 340 H "H3'"  . DC A 1 11 ? 7.061   8.156   12.252  1.00 10.00 ? 11 DC A "H3'"  1 
ATOM 341 H "H2'"  . DC A 1 11 ? 6.810   7.998   10.078  1.00 10.00 ? 11 DC A "H2'"  1 
ATOM 342 H "H2''" . DC A 1 11 ? 8.325   7.155   10.040  1.00 10.00 ? 11 DC A "H2''" 1 
ATOM 343 H "H1'"  . DC A 1 11 ? 7.335   4.949   10.196  1.00 10.00 ? 11 DC A "H1'"  1 
ATOM 344 H H41    . DC A 1 11 ? 7.212   7.643   4.432   1.00 10.00 ? 11 DC A H41    1 
ATOM 345 H H42    . DC A 1 11 ? 6.140   8.880   5.040   1.00 10.00 ? 11 DC A H42    1 
ATOM 346 H H5     . DC A 1 11 ? 5.233   8.797   7.463   1.00 10.00 ? 11 DC A H5     1 
ATOM 347 H H6     . DC A 1 11 ? 4.785   7.345   9.174   1.00 10.00 ? 11 DC A H6     1 
ATOM 348 P P      . DA A 1 12 ? 9.606   6.932   12.793  1.00 10.00 ? 12 DA A P      1 
ATOM 349 O OP1    . DA A 1 12 ? 10.112  6.487   14.110  1.00 10.00 ? 12 DA A OP1    1 
ATOM 350 O OP2    . DA A 1 12 ? 9.627   8.368   12.440  1.00 10.00 ? 12 DA A OP2    1 
ATOM 351 O "O5'"  . DA A 1 12 ? 10.406  6.132   11.653  1.00 10.00 ? 12 DA A "O5'"  1 
ATOM 352 C "C5'"  . DA A 1 12 ? 10.566  4.729   11.728  1.00 10.00 ? 12 DA A "C5'"  1 
ATOM 353 C "C4'"  . DA A 1 12 ? 11.460  4.218   10.592  1.00 10.00 ? 12 DA A "C4'"  1 
ATOM 354 O "O4'"  . DA A 1 12 ? 10.902  4.621   9.340   1.00 10.00 ? 12 DA A "O4'"  1 
ATOM 355 C "C3'"  . DA A 1 12 ? 12.896  4.762   10.695  1.00 10.00 ? 12 DA A "C3'"  1 
ATOM 356 O "O3'"  . DA A 1 12 ? 13.804  3.745   10.310  1.00 10.00 ? 12 DA A "O3'"  1 
ATOM 357 C "C2'"  . DA A 1 12 ? 12.823  5.873   9.650   1.00 10.00 ? 12 DA A "C2'"  1 
ATOM 358 C "C1'"  . DA A 1 12 ? 11.893  5.287   8.579   1.00 10.00 ? 12 DA A "C1'"  1 
ATOM 359 N N9     . DA A 1 12 ? 11.278  6.332   7.709   1.00 10.00 ? 12 DA A N9     1 
ATOM 360 C C8     . DA A 1 12 ? 10.553  7.454   8.062   1.00 10.00 ? 12 DA A C8     1 
ATOM 361 N N7     . DA A 1 12 ? 10.113  8.160   7.062   1.00 10.00 ? 12 DA A N7     1 
ATOM 362 C C5     . DA A 1 12 ? 10.572  7.460   5.960   1.00 10.00 ? 12 DA A C5     1 
ATOM 363 C C6     . DA A 1 12 ? 10.437  7.689   4.585   1.00 10.00 ? 12 DA A C6     1 
ATOM 364 N N6     . DA A 1 12 ? 9.758   8.742   4.146   1.00 10.00 ? 12 DA A N6     1 
ATOM 365 N N1     . DA A 1 12 ? 11.012  6.847   3.710   1.00 10.00 ? 12 DA A N1     1 
ATOM 366 C C2     . DA A 1 12 ? 11.693  5.812   4.198   1.00 10.00 ? 12 DA A C2     1 
ATOM 367 N N3     . DA A 1 12 ? 11.888  5.482   5.472   1.00 10.00 ? 12 DA A N3     1 
ATOM 368 C C4     . DA A 1 12 ? 11.288  6.353   6.326   1.00 10.00 ? 12 DA A C4     1 
ATOM 369 H "H5'"  . DA A 1 12 ? 9.588   4.250   11.651  1.00 10.00 ? 12 DA A "H5'"  1 
ATOM 370 H "H5''" . DA A 1 12 ? 11.019  4.453   12.681  1.00 10.00 ? 12 DA A "H5''" 1 
ATOM 371 H "H4'"  . DA A 1 12 ? 11.483  3.129   10.644  1.00 10.00 ? 12 DA A "H4'"  1 
ATOM 372 H "H3'"  . DA A 1 12 ? 13.166  5.105   11.710  1.00 10.00 ? 12 DA A "H3'"  1 
ATOM 373 H "H2'"  . DA A 1 12 ? 12.366  6.741   10.117  1.00 10.00 ? 12 DA A "H2'"  1 
ATOM 374 H "H2''" . DA A 1 12 ? 13.804  6.136   9.276   1.00 10.00 ? 12 DA A "H2''" 1 
ATOM 375 H "H1'"  . DA A 1 12 ? 12.413  4.540   7.961   1.00 10.00 ? 12 DA A "H1'"  1 
ATOM 376 H H8     . DA A 1 12 ? 10.341  7.779   9.067   1.00 10.00 ? 12 DA A H8     1 
ATOM 377 H H61    . DA A 1 12 ? 9.631   8.904   3.158   1.00 10.00 ? 12 DA A H61    1 
ATOM 378 H H62    . DA A 1 12 ? 9.339   9.344   4.838   1.00 10.00 ? 12 DA A H62    1 
ATOM 379 H H2     . DA A 1 12 ? 12.143  5.160   3.467   1.00 10.00 ? 12 DA A H2     1 
ATOM 380 P P      . DT A 1 13 ? 15.400  3.977   10.309  1.00 10.00 ? 13 DT A P      1 
ATOM 381 O OP1    . DT A 1 13 ? 16.054  2.690   10.628  1.00 10.00 ? 13 DT A OP1    1 
ATOM 382 O OP2    . DT A 1 13 ? 15.708  5.180   11.112  1.00 10.00 ? 13 DT A OP2    1 
ATOM 383 O "O5'"  . DT A 1 13 ? 15.684  4.321   8.760   1.00 10.00 ? 13 DT A "O5'"  1 
ATOM 384 C "C5'"  . DT A 1 13 ? 15.550  3.314   7.778   1.00 10.00 ? 13 DT A "C5'"  1 
ATOM 385 C "C4'"  . DT A 1 13 ? 16.008  3.761   6.385   1.00 10.00 ? 13 DT A "C4'"  1 
ATOM 386 O "O4'"  . DT A 1 13 ? 15.092  4.675   5.775   1.00 10.00 ? 13 DT A "O4'"  1 
ATOM 387 C "C3'"  . DT A 1 13 ? 17.423  4.345   6.346   1.00 10.00 ? 13 DT A "C3'"  1 
ATOM 388 O "O3'"  . DT A 1 13 ? 18.126  3.817   5.234   1.00 10.00 ? 13 DT A "O3'"  1 
ATOM 389 C "C2'"  . DT A 1 13 ? 17.038  5.805   6.136   1.00 10.00 ? 13 DT A "C2'"  1 
ATOM 390 C "C1'"  . DT A 1 13 ? 15.812  5.763   5.217   1.00 10.00 ? 13 DT A "C1'"  1 
ATOM 391 N N1     . DT A 1 13 ? 14.975  7.005   5.202   1.00 10.00 ? 13 DT A N1     1 
ATOM 392 C C2     . DT A 1 13 ? 14.553  7.490   3.963   1.00 10.00 ? 13 DT A C2     1 
ATOM 393 O O2     . DT A 1 13 ? 14.812  6.958   2.888   1.00 10.00 ? 13 DT A O2     1 
ATOM 394 N N3     . DT A 1 13 ? 13.802  8.644   3.973   1.00 10.00 ? 13 DT A N3     1 
ATOM 395 C C4     . DT A 1 13 ? 13.467  9.393   5.072   1.00 10.00 ? 13 DT A C4     1 
ATOM 396 O O4     . DT A 1 13 ? 12.804  10.418  4.926   1.00 10.00 ? 13 DT A O4     1 
ATOM 397 C C5     . DT A 1 13 ? 13.944  8.851   6.332   1.00 10.00 ? 13 DT A C5     1 
ATOM 398 C C7     . DT A 1 13 ? 13.741  9.661   7.605   1.00 10.00 ? 13 DT A C7     1 
ATOM 399 C C6     . DT A 1 13 ? 14.646  7.685   6.356   1.00 10.00 ? 13 DT A C6     1 
ATOM 400 H "H5'"  . DT A 1 13 ? 14.510  2.989   7.724   1.00 10.00 ? 13 DT A "H5'"  1 
ATOM 401 H "H5''" . DT A 1 13 ? 16.164  2.459   8.063   1.00 10.00 ? 13 DT A "H5''" 1 
ATOM 402 H "H4'"  . DT A 1 13 ? 16.037  2.849   5.820   1.00 10.00 ? 13 DT A "H4'"  1 
ATOM 403 H "H3'"  . DT A 1 13 ? 17.948  4.133   7.295   1.00 10.00 ? 13 DT A "H3'"  1 
ATOM 404 H "H2'"  . DT A 1 13 ? 16.718  6.030   7.138   1.00 10.00 ? 13 DT A "H2'"  1 
ATOM 405 H "H2''" . DT A 1 13 ? 17.840  6.463   5.783   1.00 10.00 ? 13 DT A "H2''" 1 
ATOM 406 H "H1'"  . DT A 1 13 ? 16.148  5.563   4.189   1.00 10.00 ? 13 DT A "H1'"  1 
ATOM 407 H H3     . DT A 1 13 ? 13.474  8.969   3.068   1.00 10.00 ? 13 DT A H3     1 
ATOM 408 H H71    . DT A 1 13 ? 12.771  10.162  7.570   1.00 10.00 ? 13 DT A H71    1 
ATOM 409 H H72    . DT A 1 13 ? 13.766  9.015   8.483   1.00 10.00 ? 13 DT A H72    1 
ATOM 410 H H73    . DT A 1 13 ? 14.526  10.413  7.688   1.00 10.00 ? 13 DT A H73    1 
ATOM 411 H H6     . DT A 1 13 ? 14.923  7.255   7.303   1.00 10.00 ? 13 DT A H6     1 
ATOM 412 P P      . DA A 1 14 ? 19.682  4.140   4.967   1.00 10.00 ? 14 DA A P      1 
ATOM 413 O OP1    . DA A 1 14 ? 20.418  2.862   4.852   1.00 10.00 ? 14 DA A OP1    1 
ATOM 414 O OP2    . DA A 1 14 ? 20.136  5.175   5.921   1.00 10.00 ? 14 DA A OP2    1 
ATOM 415 O "O5'"  . DA A 1 14 ? 19.627  4.815   3.511   1.00 10.00 ? 14 DA A "O5'"  1 
ATOM 416 C "C5'"  . DA A 1 14 ? 19.455  4.023   2.353   1.00 10.00 ? 14 DA A "C5'"  1 
ATOM 417 C "C4'"  . DA A 1 14 ? 19.408  4.925   1.119   1.00 10.00 ? 14 DA A "C4'"  1 
ATOM 418 O "O4'"  . DA A 1 14 ? 18.248  5.751   1.184   1.00 10.00 ? 14 DA A "O4'"  1 
ATOM 419 C "C3'"  . DA A 1 14 ? 20.655  5.796   1.000   1.00 10.00 ? 14 DA A "C3'"  1 
ATOM 420 O "O3'"  . DA A 1 14 ? 21.389  5.452   -0.161  1.00 10.00 ? 14 DA A "O3'"  1 
ATOM 421 C "C2'"  . DA A 1 14 ? 20.081  7.201   0.853   1.00 10.00 ? 14 DA A "C2'"  1 
ATOM 422 C "C1'"  . DA A 1 14 ? 18.551  7.098   0.868   1.00 10.00 ? 14 DA A "C1'"  1 
ATOM 423 N N9     . DA A 1 14 ? 17.944  8.022   1.856   1.00 10.00 ? 14 DA A N9     1 
ATOM 424 C C8     . DA A 1 14 ? 17.984  7.980   3.228   1.00 10.00 ? 14 DA A C8     1 
ATOM 425 N N7     . DA A 1 14 ? 17.324  8.940   3.821   1.00 10.00 ? 14 DA A N7     1 
ATOM 426 C C5     . DA A 1 14 ? 16.821  9.682   2.758   1.00 10.00 ? 14 DA A C5     1 
ATOM 427 C C6     . DA A 1 14 ? 16.038  10.847  2.684   1.00 10.00 ? 14 DA A C6     1 
ATOM 428 N N6     . DA A 1 14 ? 15.589  11.480  3.767   1.00 10.00 ? 14 DA A N6     1 
ATOM 429 N N1     . DA A 1 14 ? 15.760  11.368  1.479   1.00 10.00 ? 14 DA A N1     1 
ATOM 430 C C2     . DA A 1 14 ? 16.214  10.752  0.392   1.00 10.00 ? 14 DA A C2     1 
ATOM 431 N N3     . DA A 1 14 ? 16.939  9.643   0.324   1.00 10.00 ? 14 DA A N3     1 
ATOM 432 C C4     . DA A 1 14 ? 17.207  9.145   1.559   1.00 10.00 ? 14 DA A C4     1 
ATOM 433 H "H5'"  . DA A 1 14 ? 18.524  3.457   2.421   1.00 10.00 ? 14 DA A "H5'"  1 
ATOM 434 H "H5''" . DA A 1 14 ? 20.288  3.326   2.253   1.00 10.00 ? 14 DA A "H5''" 1 
ATOM 435 H "H4'"  . DA A 1 14 ? 19.389  4.306   0.223   1.00 10.00 ? 14 DA A "H4'"  1 
ATOM 436 H "H3'"  . DA A 1 14 ? 21.337  5.690   1.848   1.00 10.00 ? 14 DA A "H3'"  1 
ATOM 437 H "HO3'" . DA A 1 14 ? 20.812  5.535   -0.924  1.00 10.00 ? 14 DA A "HO3'" 1 
ATOM 438 H "H2'"  . DA A 1 14 ? 20.445  7.861   1.649   1.00 10.00 ? 14 DA A "H2'"  1 
ATOM 439 H "H2''" . DA A 1 14 ? 20.373  7.532   -0.136  1.00 10.00 ? 14 DA A "H2''" 1 
ATOM 440 H "H1'"  . DA A 1 14 ? 18.126  7.379   -0.108  1.00 10.00 ? 14 DA A "H1'"  1 
ATOM 441 H H8     . DA A 1 14 ? 18.527  7.226   3.768   1.00 10.00 ? 14 DA A H8     1 
ATOM 442 H H61    . DA A 1 14 ? 14.963  12.274  3.679   1.00 10.00 ? 14 DA A H61    1 
ATOM 443 H H62    . DA A 1 14 ? 15.829  11.102  4.670   1.00 10.00 ? 14 DA A H62    1 
ATOM 444 H H2     . DA A 1 14 ? 15.962  11.208  -0.552  1.00 10.00 ? 14 DA A H2     1 
ATOM 445 O "O5'"  . DT B 1 1  ? 10.542  18.591  -1.539  1.00 10.00 ? 15 DT B "O5'"  1 
ATOM 446 C "C5'"  . DT B 1 1  ? 11.303  18.753  -2.718  1.00 10.00 ? 15 DT B "C5'"  1 
ATOM 447 C "C4'"  . DT B 1 1  ? 12.139  17.500  -3.000  1.00 10.00 ? 15 DT B "C4'"  1 
ATOM 448 O "O4'"  . DT B 1 1  ? 12.939  17.196  -1.846  1.00 10.00 ? 15 DT B "O4'"  1 
ATOM 449 C "C3'"  . DT B 1 1  ? 11.277  16.277  -3.297  1.00 10.00 ? 15 DT B "C3'"  1 
ATOM 450 O "O3'"  . DT B 1 1  ? 11.293  15.969  -4.678  1.00 10.00 ? 15 DT B "O3'"  1 
ATOM 451 C "C2'"  . DT B 1 1  ? 11.946  15.183  -2.456  1.00 10.00 ? 15 DT B "C2'"  1 
ATOM 452 C "C1'"  . DT B 1 1  ? 13.162  15.792  -1.760  1.00 10.00 ? 15 DT B "C1'"  1 
ATOM 453 N N1     . DT B 1 1  ? 13.272  15.237  -0.381  1.00 10.00 ? 15 DT B N1     1 
ATOM 454 C C2     . DT B 1 1  ? 14.082  14.119  -0.183  1.00 10.00 ? 15 DT B C2     1 
ATOM 455 O O2     . DT B 1 1  ? 14.696  13.553  -1.082  1.00 10.00 ? 15 DT B O2     1 
ATOM 456 N N3     . DT B 1 1  ? 14.178  13.653  1.111   1.00 10.00 ? 15 DT B N3     1 
ATOM 457 C C4     . DT B 1 1  ? 13.505  14.138  2.207   1.00 10.00 ? 15 DT B C4     1 
ATOM 458 O O4     . DT B 1 1  ? 13.716  13.650  3.314   1.00 10.00 ? 15 DT B O4     1 
ATOM 459 C C5     . DT B 1 1  ? 12.579  15.215  1.903   1.00 10.00 ? 15 DT B C5     1 
ATOM 460 C C7     . DT B 1 1  ? 11.687  15.784  2.991   1.00 10.00 ? 15 DT B C7     1 
ATOM 461 C C6     . DT B 1 1  ? 12.499  15.714  0.643   1.00 10.00 ? 15 DT B C6     1 
ATOM 462 H "H5'"  . DT B 1 1  ? 11.969  19.608  -2.591  1.00 10.00 ? 15 DT B "H5'"  1 
ATOM 463 H "H5''" . DT B 1 1  ? 10.635  18.946  -3.558  1.00 10.00 ? 15 DT B "H5''" 1 
ATOM 464 H "H4'"  . DT B 1 1  ? 12.696  17.701  -3.923  1.00 10.00 ? 15 DT B "H4'"  1 
ATOM 465 H "H3'"  . DT B 1 1  ? 10.251  16.505  -2.994  1.00 10.00 ? 15 DT B "H3'"  1 
ATOM 466 H "H2'"  . DT B 1 1  ? 11.215  14.852  -1.710  1.00 10.00 ? 15 DT B "H2'"  1 
ATOM 467 H "H2''" . DT B 1 1  ? 12.308  14.368  -3.086  1.00 10.00 ? 15 DT B "H2''" 1 
ATOM 468 H "H1'"  . DT B 1 1  ? 14.117  15.566  -2.239  1.00 10.00 ? 15 DT B "H1'"  1 
ATOM 469 H H3     . DT B 1 1  ? 14.788  12.855  1.258   1.00 10.00 ? 15 DT B H3     1 
ATOM 470 H H71    . DT B 1 1  ? 11.631  16.869  2.906   1.00 10.00 ? 15 DT B H71    1 
ATOM 471 H H72    . DT B 1 1  ? 10.687  15.360  2.897   1.00 10.00 ? 15 DT B H72    1 
ATOM 472 H H73    . DT B 1 1  ? 12.086  15.531  3.975   1.00 10.00 ? 15 DT B H73    1 
ATOM 473 H H6     . DT B 1 1  ? 11.793  16.486  0.412   1.00 10.00 ? 15 DT B H6     1 
ATOM 474 H "HO5'" . DT B 1 1  ? 11.140  18.360  -0.825  1.00 10.00 ? 15 DT B "HO5'" 1 
ATOM 475 P P      . DA B 1 2  ? 10.312  14.851  -5.312  1.00 10.00 ? 16 DA B P      1 
ATOM 476 O OP1    . DA B 1 2  ? 10.185  15.129  -6.758  1.00 10.00 ? 16 DA B OP1    1 
ATOM 477 O OP2    . DA B 1 2  ? 9.101   14.770  -4.467  1.00 10.00 ? 16 DA B OP2    1 
ATOM 478 O "O5'"  . DA B 1 2  ? 11.136  13.477  -5.134  1.00 10.00 ? 16 DA B "O5'"  1 
ATOM 479 C "C5'"  . DA B 1 2  ? 12.331  13.256  -5.857  1.00 10.00 ? 16 DA B "C5'"  1 
ATOM 480 C "C4'"  . DA B 1 2  ? 12.946  11.889  -5.534  1.00 10.00 ? 16 DA B "C4'"  1 
ATOM 481 O "O4'"  . DA B 1 2  ? 13.266  11.793  -4.151  1.00 10.00 ? 16 DA B "O4'"  1 
ATOM 482 C "C3'"  . DA B 1 2  ? 12.034  10.718  -5.918  1.00 10.00 ? 16 DA B "C3'"  1 
ATOM 483 O "O3'"  . DA B 1 2  ? 12.835  9.752   -6.588  1.00 10.00 ? 16 DA B "O3'"  1 
ATOM 484 C "C2'"  . DA B 1 2  ? 11.564  10.240  -4.554  1.00 10.00 ? 16 DA B "C2'"  1 
ATOM 485 C "C1'"  . DA B 1 2  ? 12.676  10.631  -3.591  1.00 10.00 ? 16 DA B "C1'"  1 
ATOM 486 N N9     . DA B 1 2  ? 12.178  10.959  -2.234  1.00 10.00 ? 16 DA B N9     1 
ATOM 487 C C8     . DA B 1 2  ? 11.363  11.997  -1.856  1.00 10.00 ? 16 DA B C8     1 
ATOM 488 N N7     . DA B 1 2  ? 11.223  12.133  -0.562  1.00 10.00 ? 16 DA B N7     1 
ATOM 489 C C5     . DA B 1 2  ? 11.987  11.090  -0.050  1.00 10.00 ? 16 DA B C5     1 
ATOM 490 C C6     . DA B 1 2  ? 12.275  10.663  1.259   1.00 10.00 ? 16 DA B C6     1 
ATOM 491 N N6     . DA B 1 2  ? 11.798  11.282  2.338   1.00 10.00 ? 16 DA B N6     1 
ATOM 492 N N1     . DA B 1 2  ? 13.057  9.588   1.437   1.00 10.00 ? 16 DA B N1     1 
ATOM 493 C C2     . DA B 1 2  ? 13.542  8.964   0.368   1.00 10.00 ? 16 DA B C2     1 
ATOM 494 N N3     . DA B 1 2  ? 13.361  9.272   -0.909  1.00 10.00 ? 16 DA B N3     1 
ATOM 495 C C4     . DA B 1 2  ? 12.563  10.361  -1.057  1.00 10.00 ? 16 DA B C4     1 
ATOM 496 H "H5'"  . DA B 1 2  ? 13.056  14.032  -5.608  1.00 10.00 ? 16 DA B "H5'"  1 
ATOM 497 H "H5''" . DA B 1 2  ? 12.125  13.300  -6.928  1.00 10.00 ? 16 DA B "H5''" 1 
ATOM 498 H "H4'"  . DA B 1 2  ? 13.873  11.811  -6.100  1.00 10.00 ? 16 DA B "H4'"  1 
ATOM 499 H "H3'"  . DA B 1 2  ? 11.180  11.015  -6.536  1.00 10.00 ? 16 DA B "H3'"  1 
ATOM 500 H "H2'"  . DA B 1 2  ? 10.637  10.730  -4.270  1.00 10.00 ? 16 DA B "H2'"  1 
ATOM 501 H "H2''" . DA B 1 2  ? 11.435  9.174   -4.618  1.00 10.00 ? 16 DA B "H2''" 1 
ATOM 502 H "H1'"  . DA B 1 2  ? 13.386  9.804   -3.524  1.00 10.00 ? 16 DA B "H1'"  1 
ATOM 503 H H8     . DA B 1 2  ? 10.897  12.660  -2.575  1.00 10.00 ? 16 DA B H8     1 
ATOM 504 H H61    . DA B 1 2  ? 12.072  10.983  3.269   1.00 10.00 ? 16 DA B H61    1 
ATOM 505 H H62    . DA B 1 2  ? 11.181  12.067  2.200   1.00 10.00 ? 16 DA B H62    1 
ATOM 506 H H2     . DA B 1 2  ? 14.167  8.107   0.560   1.00 10.00 ? 16 DA B H2     1 
ATOM 507 P P      . DT B 1 3  ? 12.234  8.392   -7.226  1.00 10.00 ? 17 DT B P      1 
ATOM 508 O OP1    . DT B 1 3  ? 13.182  7.915   -8.256  1.00 10.00 ? 17 DT B OP1    1 
ATOM 509 O OP2    . DT B 1 3  ? 10.817  8.624   -7.578  1.00 10.00 ? 17 DT B OP2    1 
ATOM 510 O "O5'"  . DT B 1 3  ? 12.287  7.364   -5.985  1.00 10.00 ? 17 DT B "O5'"  1 
ATOM 511 C "C5'"  . DT B 1 3  ? 13.527  6.916   -5.470  1.00 10.00 ? 17 DT B "C5'"  1 
ATOM 512 C "C4'"  . DT B 1 3  ? 13.345  6.079   -4.198  1.00 10.00 ? 17 DT B "C4'"  1 
ATOM 513 O "O4'"  . DT B 1 3  ? 12.782  6.847   -3.141  1.00 10.00 ? 17 DT B "O4'"  1 
ATOM 514 C "C3'"  . DT B 1 3  ? 12.453  4.840   -4.388  1.00 10.00 ? 17 DT B "C3'"  1 
ATOM 515 O "O3'"  . DT B 1 3  ? 13.188  3.678   -4.037  1.00 10.00 ? 17 DT B "O3'"  1 
ATOM 516 C "C2'"  . DT B 1 3  ? 11.312  5.140   -3.421  1.00 10.00 ? 17 DT B "C2'"  1 
ATOM 517 C "C1'"  . DT B 1 3  ? 12.040  5.947   -2.343  1.00 10.00 ? 17 DT B "C1'"  1 
ATOM 518 N N1     . DT B 1 3  ? 11.172  6.671   -1.360  1.00 10.00 ? 17 DT B N1     1 
ATOM 519 C C2     . DT B 1 3  ? 11.388  6.463   0.007   1.00 10.00 ? 17 DT B C2     1 
ATOM 520 O O2     . DT B 1 3  ? 12.142  5.605   0.454   1.00 10.00 ? 17 DT B O2     1 
ATOM 521 N N3     . DT B 1 3  ? 10.708  7.290   0.882   1.00 10.00 ? 17 DT B N3     1 
ATOM 522 C C4     . DT B 1 3  ? 9.796   8.259   0.525   1.00 10.00 ? 17 DT B C4     1 
ATOM 523 O O4     . DT B 1 3  ? 9.267   8.957   1.384   1.00 10.00 ? 17 DT B O4     1 
ATOM 524 C C5     . DT B 1 3  ? 9.586   8.397   -0.899  1.00 10.00 ? 17 DT B C5     1 
ATOM 525 C C7     . DT B 1 3  ? 8.588   9.416   -1.420  1.00 10.00 ? 17 DT B C7     1 
ATOM 526 C C6     . DT B 1 3  ? 10.268  7.621   -1.774  1.00 10.00 ? 17 DT B C6     1 
ATOM 527 H "H5'"  . DT B 1 3  ? 14.156  7.775   -5.230  1.00 10.00 ? 17 DT B "H5'"  1 
ATOM 528 H "H5''" . DT B 1 3  ? 14.032  6.310   -6.223  1.00 10.00 ? 17 DT B "H5''" 1 
ATOM 529 H "H4'"  . DT B 1 3  ? 14.334  5.752   -3.873  1.00 10.00 ? 17 DT B "H4'"  1 
ATOM 530 H "H3'"  . DT B 1 3  ? 12.069  4.746   -5.402  1.00 10.00 ? 17 DT B "H3'"  1 
ATOM 531 H "H2'"  . DT B 1 3  ? 10.591  5.749   -3.969  1.00 10.00 ? 17 DT B "H2'"  1 
ATOM 532 H "H2''" . DT B 1 3  ? 10.853  4.219   -3.074  1.00 10.00 ? 17 DT B "H2''" 1 
ATOM 533 H "H1'"  . DT B 1 3  ? 12.742  5.280   -1.841  1.00 10.00 ? 17 DT B "H1'"  1 
ATOM 534 H H3     . DT B 1 3  ? 10.871  7.139   1.878   1.00 10.00 ? 17 DT B H3     1 
ATOM 535 H H71    . DT B 1 3  ? 7.636   8.921   -1.613  1.00 10.00 ? 17 DT B H71    1 
ATOM 536 H H72    . DT B 1 3  ? 8.433   10.203  -0.681  1.00 10.00 ? 17 DT B H72    1 
ATOM 537 H H73    . DT B 1 3  ? 8.951   9.874   -2.341  1.00 10.00 ? 17 DT B H73    1 
ATOM 538 H H6     . DT B 1 3  ? 10.089  7.788   -2.819  1.00 10.00 ? 17 DT B H6     1 
ATOM 539 P P      . DG B 1 4  ? 12.632  2.186   -4.313  1.00 10.00 ? 18 DG B P      1 
ATOM 540 O OP1    . DG B 1 4  ? 13.786  1.324   -4.649  1.00 10.00 ? 18 DG B OP1    1 
ATOM 541 O OP2    . DG B 1 4  ? 11.481  2.272   -5.238  1.00 10.00 ? 18 DG B OP2    1 
ATOM 542 O "O5'"  . DG B 1 4  ? 12.079  1.746   -2.868  1.00 10.00 ? 18 DG B "O5'"  1 
ATOM 543 C "C5'"  . DG B 1 4  ? 12.947  1.166   -1.912  1.00 10.00 ? 18 DG B "C5'"  1 
ATOM 544 C "C4'"  . DG B 1 4  ? 12.246  0.976   -0.563  1.00 10.00 ? 18 DG B "C4'"  1 
ATOM 545 O "O4'"  . DG B 1 4  ? 11.822  2.231   -0.050  1.00 10.00 ? 18 DG B "O4'"  1 
ATOM 546 C "C3'"  . DG B 1 4  ? 11.015  0.066   -0.614  1.00 10.00 ? 18 DG B "C3'"  1 
ATOM 547 O "O3'"  . DG B 1 4  ? 11.352  -1.225  -0.120  1.00 10.00 ? 18 DG B "O3'"  1 
ATOM 548 C "C2'"  . DG B 1 4  ? 10.031  0.793   0.305   1.00 10.00 ? 18 DG B "C2'"  1 
ATOM 549 C "C1'"  . DG B 1 4  ? 10.781  1.989   0.873   1.00 10.00 ? 18 DG B "C1'"  1 
ATOM 550 N N9     . DG B 1 4  ? 9.885   3.148   1.024   1.00 10.00 ? 18 DG B N9     1 
ATOM 551 C C8     . DG B 1 4  ? 9.280   3.896   0.055   1.00 10.00 ? 18 DG B C8     1 
ATOM 552 N N7     . DG B 1 4  ? 8.567   4.891   0.515   1.00 10.00 ? 18 DG B N7     1 
ATOM 553 C C5     . DG B 1 4  ? 8.675   4.759   1.902   1.00 10.00 ? 18 DG B C5     1 
ATOM 554 C C6     . DG B 1 4  ? 8.113   5.522   2.970   1.00 10.00 ? 18 DG B C6     1 
ATOM 555 O O6     . DG B 1 4  ? 7.479   6.574   2.910   1.00 10.00 ? 18 DG B O6     1 
ATOM 556 N N1     . DG B 1 4  ? 8.341   4.951   4.215   1.00 10.00 ? 18 DG B N1     1 
ATOM 557 C C2     . DG B 1 4  ? 9.101   3.827   4.425   1.00 10.00 ? 18 DG B C2     1 
ATOM 558 N N2     . DG B 1 4  ? 9.266   3.384   5.664   1.00 10.00 ? 18 DG B N2     1 
ATOM 559 N N3     . DG B 1 4  ? 9.689   3.149   3.443   1.00 10.00 ? 18 DG B N3     1 
ATOM 560 C C4     . DG B 1 4  ? 9.432   3.656   2.212   1.00 10.00 ? 18 DG B C4     1 
ATOM 561 H "H5'"  . DG B 1 4  ? 13.813  1.813   -1.765  1.00 10.00 ? 18 DG B "H5'"  1 
ATOM 562 H "H5''" . DG B 1 4  ? 13.288  0.194   -2.272  1.00 10.00 ? 18 DG B "H5''" 1 
ATOM 563 H "H4'"  . DG B 1 4  ? 12.958  0.508   0.116   1.00 10.00 ? 18 DG B "H4'"  1 
ATOM 564 H "H3'"  . DG B 1 4  ? 10.643  0.032   -1.642  1.00 10.00 ? 18 DG B "H3'"  1 
ATOM 565 H "H2'"  . DG B 1 4  ? 9.158   1.097   -0.271  1.00 10.00 ? 18 DG B "H2'"  1 
ATOM 566 H "H2''" . DG B 1 4  ? 9.733   0.175   1.140   1.00 10.00 ? 18 DG B "H2''" 1 
ATOM 567 H "H1'"  . DG B 1 4  ? 11.183  1.754   1.861   1.00 10.00 ? 18 DG B "H1'"  1 
ATOM 568 H H8     . DG B 1 4  ? 9.403   3.653   -0.988  1.00 10.00 ? 18 DG B H8     1 
ATOM 569 H H1     . DG B 1 4  ? 7.918   5.416   5.015   1.00 10.00 ? 18 DG B H1     1 
ATOM 570 H H21    . DG B 1 4  ? 8.827   3.834   6.456   1.00 10.00 ? 18 DG B H21    1 
ATOM 571 H H22    . DG B 1 4  ? 9.842   2.569   5.802   1.00 10.00 ? 18 DG B H22    1 
ATOM 572 P P      . DA B 1 5  ? 10.278  -2.426  0.037   1.00 10.00 ? 19 DA B P      1 
ATOM 573 O OP1    . DA B 1 5  ? 11.029  -3.699  0.093   1.00 10.00 ? 19 DA B OP1    1 
ATOM 574 O OP2    . DA B 1 5  ? 9.217   -2.242  -0.977  1.00 10.00 ? 19 DA B OP2    1 
ATOM 575 O "O5'"  . DA B 1 5  ? 9.620   -2.181  1.495   1.00 10.00 ? 19 DA B "O5'"  1 
ATOM 576 C "C5'"  . DA B 1 5  ? 10.417  -2.193  2.667   1.00 10.00 ? 19 DA B "C5'"  1 
ATOM 577 C "C4'"  . DA B 1 5  ? 9.585   -1.997  3.945   1.00 10.00 ? 19 DA B "C4'"  1 
ATOM 578 O "O4'"  . DA B 1 5  ? 8.965   -0.717  3.987   1.00 10.00 ? 19 DA B "O4'"  1 
ATOM 579 C "C3'"  . DA B 1 5  ? 8.485   -3.052  4.095   1.00 10.00 ? 19 DA B "C3'"  1 
ATOM 580 O "O3'"  . DA B 1 5  ? 8.490   -3.513  5.439   1.00 10.00 ? 19 DA B "O3'"  1 
ATOM 581 C "C2'"  . DA B 1 5  ? 7.244   -2.246  3.750   1.00 10.00 ? 19 DA B "C2'"  1 
ATOM 582 C "C1'"  . DA B 1 5  ? 7.587   -0.864  4.299   1.00 10.00 ? 19 DA B "C1'"  1 
ATOM 583 N N9     . DA B 1 5  ? 6.841   0.269   3.691   1.00 10.00 ? 19 DA B N9     1 
ATOM 584 C C8     . DA B 1 5  ? 6.722   0.572   2.359   1.00 10.00 ? 19 DA B C8     1 
ATOM 585 N N7     . DA B 1 5  ? 6.241   1.758   2.104   1.00 10.00 ? 19 DA B N7     1 
ATOM 586 C C5     . DA B 1 5  ? 5.964   2.259   3.369   1.00 10.00 ? 19 DA B C5     1 
ATOM 587 C C6     . DA B 1 5  ? 5.393   3.466   3.806   1.00 10.00 ? 19 DA B C6     1 
ATOM 588 N N6     . DA B 1 5  ? 5.049   4.423   2.947   1.00 10.00 ? 19 DA B N6     1 
ATOM 589 N N1     . DA B 1 5  ? 5.179   3.661   5.119   1.00 10.00 ? 19 DA B N1     1 
ATOM 590 C C2     . DA B 1 5  ? 5.554   2.700   5.961   1.00 10.00 ? 19 DA B C2     1 
ATOM 591 N N3     . DA B 1 5  ? 6.119   1.530   5.682   1.00 10.00 ? 19 DA B N3     1 
ATOM 592 C C4     . DA B 1 5  ? 6.298   1.357   4.345   1.00 10.00 ? 19 DA B C4     1 
ATOM 593 H "H5'"  . DA B 1 5  ? 11.163  -1.399  2.610   1.00 10.00 ? 19 DA B "H5'"  1 
ATOM 594 H "H5''" . DA B 1 5  ? 10.934  -3.150  2.738   1.00 10.00 ? 19 DA B "H5''" 1 
ATOM 595 H "H4'"  . DA B 1 5  ? 10.269  -2.072  4.792   1.00 10.00 ? 19 DA B "H4'"  1 
ATOM 596 H "H3'"  . DA B 1 5  ? 8.586   -3.879  3.395   1.00 10.00 ? 19 DA B "H3'"  1 
ATOM 597 H "H2'"  . DA B 1 5  ? 7.119   -2.225  2.669   1.00 10.00 ? 19 DA B "H2'"  1 
ATOM 598 H "H2''" . DA B 1 5  ? 6.406   -2.726  4.232   1.00 10.00 ? 19 DA B "H2''" 1 
ATOM 599 H "H1'"  . DA B 1 5  ? 7.409   -0.892  5.372   1.00 10.00 ? 19 DA B "H1'"  1 
ATOM 600 H H8     . DA B 1 5  ? 7.018   -0.116  1.587   1.00 10.00 ? 19 DA B H8     1 
ATOM 601 H H61    . DA B 1 5  ? 4.695   5.315   3.269   1.00 10.00 ? 19 DA B H61    1 
ATOM 602 H H62    . DA B 1 5  ? 5.193   4.241   1.965   1.00 10.00 ? 19 DA B H62    1 
ATOM 603 H H2     . DA B 1 5  ? 5.369   2.896   7.005   1.00 10.00 ? 19 DA B H2     1 
ATOM 604 P P      . DG B 1 6  ? 7.544   -4.716  5.956   1.00 10.00 ? 20 DG B P      1 
ATOM 605 O OP1    . DG B 1 6  ? 8.165   -5.296  7.167   1.00 10.00 ? 20 DG B OP1    1 
ATOM 606 O OP2    . DG B 1 6  ? 7.218   -5.587  4.806   1.00 10.00 ? 20 DG B OP2    1 
ATOM 607 O "O5'"  . DG B 1 6  ? 6.206   -3.938  6.399   1.00 10.00 ? 20 DG B "O5'"  1 
ATOM 608 C "C5'"  . DG B 1 6  ? 6.156   -3.230  7.622   1.00 10.00 ? 20 DG B "C5'"  1 
ATOM 609 C "C4'"  . DG B 1 6  ? 4.834   -2.471  7.783   1.00 10.00 ? 20 DG B "C4'"  1 
ATOM 610 O "O4'"  . DG B 1 6  ? 4.737   -1.404  6.852   1.00 10.00 ? 20 DG B "O4'"  1 
ATOM 611 C "C3'"  . DG B 1 6  ? 3.584   -3.352  7.603   1.00 10.00 ? 20 DG B "C3'"  1 
ATOM 612 O "O3'"  . DG B 1 6  ? 2.780   -3.221  8.764   1.00 10.00 ? 20 DG B "O3'"  1 
ATOM 613 C "C2'"  . DG B 1 6  ? 2.939   -2.724  6.365   1.00 10.00 ? 20 DG B "C2'"  1 
ATOM 614 C "C1'"  . DG B 1 6  ? 3.369   -1.272  6.532   1.00 10.00 ? 20 DG B "C1'"  1 
ATOM 615 N N9     . DG B 1 6  ? 3.175   -0.456  5.320   1.00 10.00 ? 20 DG B N9     1 
ATOM 616 C C8     . DG B 1 6  ? 3.625   -0.724  4.064   1.00 10.00 ? 20 DG B C8     1 
ATOM 617 N N7     . DG B 1 6  ? 3.396   0.207   3.186   1.00 10.00 ? 20 DG B N7     1 
ATOM 618 C C5     . DG B 1 6  ? 2.722   1.176   3.922   1.00 10.00 ? 20 DG B C5     1 
ATOM 619 C C6     . DG B 1 6  ? 2.194   2.435   3.514   1.00 10.00 ? 20 DG B C6     1 
ATOM 620 O O6     . DG B 1 6  ? 2.302   2.978   2.418   1.00 10.00 ? 20 DG B O6     1 
ATOM 621 N N1     . DG B 1 6  ? 1.503   3.077   4.525   1.00 10.00 ? 20 DG B N1     1 
ATOM 622 C C2     . DG B 1 6  ? 1.350   2.582   5.796   1.00 10.00 ? 20 DG B C2     1 
ATOM 623 N N2     . DG B 1 6  ? 0.596   3.265   6.649   1.00 10.00 ? 20 DG B N2     1 
ATOM 624 N N3     . DG B 1 6  ? 1.870   1.419   6.200   1.00 10.00 ? 20 DG B N3     1 
ATOM 625 C C4     . DG B 1 6  ? 2.545   0.763   5.220   1.00 10.00 ? 20 DG B C4     1 
ATOM 626 H "H5'"  . DG B 1 6  ? 6.980   -2.517  7.672   1.00 10.00 ? 20 DG B "H5'"  1 
ATOM 627 H "H5''" . DG B 1 6  ? 6.253   -3.938  8.448   1.00 10.00 ? 20 DG B "H5''" 1 
ATOM 628 H "H4'"  . DG B 1 6  ? 4.822   -2.035  8.784   1.00 10.00 ? 20 DG B "H4'"  1 
ATOM 629 H "H3'"  . DG B 1 6  ? 3.847   -4.397  7.432   1.00 10.00 ? 20 DG B "H3'"  1 
ATOM 630 H "H2'"  . DG B 1 6  ? 3.405   -3.165  5.483   1.00 10.00 ? 20 DG B "H2'"  1 
ATOM 631 H "H2''" . DG B 1 6  ? 1.859   -2.846  6.312   1.00 10.00 ? 20 DG B "H2''" 1 
ATOM 632 H "H1'"  . DG B 1 6  ? 2.832   -0.825  7.359   1.00 10.00 ? 20 DG B "H1'"  1 
ATOM 633 H H8     . DG B 1 6  ? 4.132   -1.640  3.850   1.00 10.00 ? 20 DG B H8     1 
ATOM 634 H H1     . DG B 1 6  ? 1.109   3.981   4.273   1.00 10.00 ? 20 DG B H1     1 
ATOM 635 H H21    . DG B 1 6  ? 0.107   4.105   6.361   1.00 10.00 ? 20 DG B H21    1 
ATOM 636 H H22    . DG B 1 6  ? 0.507   2.917   7.591   1.00 10.00 ? 20 DG B H22    1 
ATOM 637 P P      . DC B 1 7  ? 1.460   -4.112  9.008   1.00 10.00 ? 21 DC B P      1 
ATOM 638 O OP1    . DC B 1 7  ? 1.349   -4.378  10.459  1.00 10.00 ? 21 DC B OP1    1 
ATOM 639 O OP2    . DC B 1 7  ? 1.465   -5.238  8.050   1.00 10.00 ? 21 DC B OP2    1 
ATOM 640 O "O5'"  . DC B 1 7  ? 0.283   -3.101  8.588   1.00 10.00 ? 21 DC B "O5'"  1 
ATOM 641 C "C5'"  . DC B 1 7  ? -0.198  -2.125  9.495   1.00 10.00 ? 21 DC B "C5'"  1 
ATOM 642 C "C4'"  . DC B 1 7  ? -1.301  -1.289  8.841   1.00 10.00 ? 21 DC B "C4'"  1 
ATOM 643 O "O4'"  . DC B 1 7  ? -0.780  -0.585  7.729   1.00 10.00 ? 21 DC B "O4'"  1 
ATOM 644 C "C3'"  . DC B 1 7  ? -2.483  -2.140  8.355   1.00 10.00 ? 21 DC B "C3'"  1 
ATOM 645 O "O3'"  . DC B 1 7  ? -3.608  -1.911  9.188   1.00 10.00 ? 21 DC B "O3'"  1 
ATOM 646 C "C2'"  . DC B 1 7  ? -2.671  -1.653  6.925   1.00 10.00 ? 21 DC B "C2'"  1 
ATOM 647 C "C1'"  . DC B 1 7  ? -1.835  -0.390  6.815   1.00 10.00 ? 21 DC B "C1'"  1 
ATOM 648 N N1     . DC B 1 7  ? -1.292  -0.268  5.448   1.00 10.00 ? 21 DC B N1     1 
ATOM 649 C C2     . DC B 1 7  ? -1.512  0.861   4.674   1.00 10.00 ? 21 DC B C2     1 
ATOM 650 O O2     . DC B 1 7  ? -2.235  1.773   5.064   1.00 10.00 ? 21 DC B O2     1 
ATOM 651 N N3     . DC B 1 7  ? -0.907  0.952   3.452   1.00 10.00 ? 21 DC B N3     1 
ATOM 652 C C4     . DC B 1 7  ? -0.145  -0.057  3.005   1.00 10.00 ? 21 DC B C4     1 
ATOM 653 N N4     . DC B 1 7  ? 0.505   0.113   1.860   1.00 10.00 ? 21 DC B N4     1 
ATOM 654 C C5     . DC B 1 7  ? 0.062   -1.248  3.778   1.00 10.00 ? 21 DC B C5     1 
ATOM 655 C C6     . DC B 1 7  ? -0.545  -1.296  4.979   1.00 10.00 ? 21 DC B C6     1 
ATOM 656 H "H5'"  . DC B 1 7  ? 0.620   -1.468  9.798   1.00 10.00 ? 21 DC B "H5'"  1 
ATOM 657 H "H5''" . DC B 1 7  ? -0.609  -2.615  10.379  1.00 10.00 ? 21 DC B "H5''" 1 
ATOM 658 H "H4'"  . DC B 1 7  ? -1.679  -0.551  9.547   1.00 10.00 ? 21 DC B "H4'"  1 
ATOM 659 H "H3'"  . DC B 1 7  ? -2.208  -3.196  8.317   1.00 10.00 ? 21 DC B "H3'"  1 
ATOM 660 H "H2'"  . DC B 1 7  ? -2.417  -2.480  6.268   1.00 10.00 ? 21 DC B "H2'"  1 
ATOM 661 H "H2''" . DC B 1 7  ? -3.653  -1.339  6.664   1.00 10.00 ? 21 DC B "H2''" 1 
ATOM 662 H "H1'"  . DC B 1 7  ? -2.463  0.445   7.124   1.00 10.00 ? 21 DC B "H1'"  1 
ATOM 663 H H41    . DC B 1 7  ? 0.364   0.969   1.336   1.00 10.00 ? 21 DC B H41    1 
ATOM 664 H H42    . DC B 1 7  ? 1.223   -0.536  1.585   1.00 10.00 ? 21 DC B H42    1 
ATOM 665 H H5     . DC B 1 7  ? 0.651   -2.107  3.497   1.00 10.00 ? 21 DC B H5     1 
ATOM 666 H H6     . DC B 1 7  ? -0.506  -2.165  5.610   1.00 10.00 ? 21 DC B H6     1 
ATOM 667 P P      . DG B 1 8  ? -5.036  -2.621  8.941   1.00 10.00 ? 22 DG B P      1 
ATOM 668 O OP1    . DG B 1 8  ? -5.738  -2.710  10.239  1.00 10.00 ? 22 DG B OP1    1 
ATOM 669 O OP2    . DG B 1 8  ? -4.830  -3.837  8.124   1.00 10.00 ? 22 DG B OP2    1 
ATOM 670 O "O5'"  . DG B 1 8  ? -5.804  -1.536  8.034   1.00 10.00 ? 22 DG B "O5'"  1 
ATOM 671 C "C5'"  . DG B 1 8  ? -6.181  -0.283  8.572   1.00 10.00 ? 22 DG B "C5'"  1 
ATOM 672 C "C4'"  . DG B 1 8  ? -6.839  0.600   7.507   1.00 10.00 ? 22 DG B "C4'"  1 
ATOM 673 O "O4'"  . DG B 1 8  ? -5.924  0.831   6.445   1.00 10.00 ? 22 DG B "O4'"  1 
ATOM 674 C "C3'"  . DG B 1 8  ? -8.108  -0.035  6.918   1.00 10.00 ? 22 DG B "C3'"  1 
ATOM 675 O "O3'"  . DG B 1 8  ? -9.113  0.963   6.833   1.00 10.00 ? 22 DG B "O3'"  1 
ATOM 676 C "C2'"  . DG B 1 8  ? -7.615  -0.511  5.563   1.00 10.00 ? 22 DG B "C2'"  1 
ATOM 677 C "C1'"  . DG B 1 8  ? -6.567  0.545   5.219   1.00 10.00 ? 22 DG B "C1'"  1 
ATOM 678 N N9     . DG B 1 8  ? -5.571  0.060   4.243   1.00 10.00 ? 22 DG B N9     1 
ATOM 679 C C8     . DG B 1 8  ? -4.954  -1.156  4.233   1.00 10.00 ? 22 DG B C8     1 
ATOM 680 N N7     . DG B 1 8  ? -4.057  -1.305  3.298   1.00 10.00 ? 22 DG B N7     1 
ATOM 681 C C5     . DG B 1 8  ? -4.107  -0.097  2.608   1.00 10.00 ? 22 DG B C5     1 
ATOM 682 C C6     . DG B 1 8  ? -3.401  0.331   1.443   1.00 10.00 ? 22 DG B C6     1 
ATOM 683 O O6     . DG B 1 8  ? -2.500  -0.254  0.848   1.00 10.00 ? 22 DG B O6     1 
ATOM 684 N N1     . DG B 1 8  ? -3.835  1.560   0.972   1.00 10.00 ? 22 DG B N1     1 
ATOM 685 C C2     . DG B 1 8  ? -4.793  2.326   1.591   1.00 10.00 ? 22 DG B C2     1 
ATOM 686 N N2     . DG B 1 8  ? -5.138  3.482   1.037   1.00 10.00 ? 22 DG B N2     1 
ATOM 687 N N3     . DG B 1 8  ? -5.434  1.955   2.704   1.00 10.00 ? 22 DG B N3     1 
ATOM 688 C C4     . DG B 1 8  ? -5.051  0.734   3.161   1.00 10.00 ? 22 DG B C4     1 
ATOM 689 H "H5'"  . DG B 1 8  ? -5.298  0.232   8.954   1.00 10.00 ? 22 DG B "H5'"  1 
ATOM 690 H "H5''" . DG B 1 8  ? -6.883  -0.432  9.394   1.00 10.00 ? 22 DG B "H5''" 1 
ATOM 691 H "H4'"  . DG B 1 8  ? -7.093  1.556   7.967   1.00 10.00 ? 22 DG B "H4'"  1 
ATOM 692 H "H3'"  . DG B 1 8  ? -8.442  -0.892  7.502   1.00 10.00 ? 22 DG B "H3'"  1 
ATOM 693 H "H2'"  . DG B 1 8  ? -7.176  -1.493  5.724   1.00 10.00 ? 22 DG B "H2'"  1 
ATOM 694 H "H2''" . DG B 1 8  ? -8.414  -0.596  4.834   1.00 10.00 ? 22 DG B "H2''" 1 
ATOM 695 H "H1'"  . DG B 1 8  ? -7.069  1.435   4.851   1.00 10.00 ? 22 DG B "H1'"  1 
ATOM 696 H H8     . DG B 1 8  ? -5.222  -1.909  4.955   1.00 10.00 ? 22 DG B H8     1 
ATOM 697 H H1     . DG B 1 8  ? -3.399  1.878   0.106   1.00 10.00 ? 22 DG B H1     1 
ATOM 698 H H21    . DG B 1 8  ? -4.732  3.787   0.161   1.00 10.00 ? 22 DG B H21    1 
ATOM 699 H H22    . DG B 1 8  ? -5.835  4.046   1.495   1.00 10.00 ? 22 DG B H22    1 
ATOM 700 P P      . DC B 1 9  ? -10.596 0.663   6.275   1.00 10.00 ? 23 DC B P      1 
ATOM 701 O OP1    . DC B 1 9  ? -11.563 1.427   7.092   1.00 10.00 ? 23 DC B OP1    1 
ATOM 702 O OP2    . DC B 1 9  ? -10.759 -0.797  6.104   1.00 10.00 ? 23 DC B OP2    1 
ATOM 703 O "O5'"  . DC B 1 9  ? -10.524 1.335   4.815   1.00 10.00 ? 23 DC B "O5'"  1 
ATOM 704 C "C5'"  . DC B 1 9  ? -10.560 2.743   4.673   1.00 10.00 ? 23 DC B "C5'"  1 
ATOM 705 C "C4'"  . DC B 1 9  ? -10.299 3.146   3.219   1.00 10.00 ? 23 DC B "C4'"  1 
ATOM 706 O "O4'"  . DC B 1 9  ? -9.026  2.684   2.818   1.00 10.00 ? 23 DC B "O4'"  1 
ATOM 707 C "C3'"  . DC B 1 9  ? -11.363 2.632   2.239   1.00 10.00 ? 23 DC B "C3'"  1 
ATOM 708 O "O3'"  . DC B 1 9  ? -12.047 3.725   1.648   1.00 10.00 ? 23 DC B "O3'"  1 
ATOM 709 C "C2'"  . DC B 1 9  ? -10.517 1.870   1.221   1.00 10.00 ? 23 DC B "C2'"  1 
ATOM 710 C "C1'"  . DC B 1 9  ? -9.088  2.332   1.454   1.00 10.00 ? 23 DC B "C1'"  1 
ATOM 711 N N1     . DC B 1 9  ? -8.199  1.181   1.211   1.00 10.00 ? 23 DC B N1     1 
ATOM 712 C C2     . DC B 1 9  ? -7.439  1.094   0.055   1.00 10.00 ? 23 DC B C2     1 
ATOM 713 O O2     . DC B 1 9  ? -7.445  1.985   -0.790  1.00 10.00 ? 23 DC B O2     1 
ATOM 714 N N3     . DC B 1 9  ? -6.674  -0.017  -0.143  1.00 10.00 ? 23 DC B N3     1 
ATOM 715 C C4     . DC B 1 9  ? -6.698  -1.022  0.739   1.00 10.00 ? 23 DC B C4     1 
ATOM 716 N N4     . DC B 1 9  ? -5.870  -2.041  0.550   1.00 10.00 ? 23 DC B N4     1 
ATOM 717 C C5     . DC B 1 9  ? -7.551  -0.993  1.886   1.00 10.00 ? 23 DC B C5     1 
ATOM 718 C C6     . DC B 1 9  ? -8.269  0.133   2.076   1.00 10.00 ? 23 DC B C6     1 
ATOM 719 H "H5'"  . DC B 1 9  ? -9.789  3.193   5.300   1.00 10.00 ? 23 DC B "H5'"  1 
ATOM 720 H "H5''" . DC B 1 9  ? -11.534 3.122   4.983   1.00 10.00 ? 23 DC B "H5''" 1 
ATOM 721 H "H4'"  . DC B 1 9  ? -10.256 4.225   3.159   1.00 10.00 ? 23 DC B "H4'"  1 
ATOM 722 H "H3'"  . DC B 1 9  ? -12.061 1.966   2.764   1.00 10.00 ? 23 DC B "H3'"  1 
ATOM 723 H "H2'"  . DC B 1 9  ? -10.661 0.810   1.408   1.00 10.00 ? 23 DC B "H2'"  1 
ATOM 724 H "H2''" . DC B 1 9  ? -10.724 2.056   0.180   1.00 10.00 ? 23 DC B "H2''" 1 
ATOM 725 H "H1'"  . DC B 1 9  ? -8.867  3.205   0.842   1.00 10.00 ? 23 DC B "H1'"  1 
ATOM 726 H H41    . DC B 1 9  ? -5.222  -1.999  -0.227  1.00 10.00 ? 23 DC B H41    1 
ATOM 727 H H42    . DC B 1 9  ? -5.778  -2.760  1.249   1.00 10.00 ? 23 DC B H42    1 
ATOM 728 H H5     . DC B 1 9  ? -7.671  -1.792  2.597   1.00 10.00 ? 23 DC B H5     1 
ATOM 729 H H6     . DC B 1 9  ? -8.962  0.237   2.894   1.00 10.00 ? 23 DC B H6     1 
ATOM 730 P P      . DT B 1 10 ? -13.349 3.522   0.713   1.00 10.00 ? 24 DT B P      1 
ATOM 731 O OP1    . DT B 1 10 ? -14.051 4.820   0.619   1.00 10.00 ? 24 DT B OP1    1 
ATOM 732 O OP2    . DT B 1 10 ? -14.078 2.322   1.176   1.00 10.00 ? 24 DT B OP2    1 
ATOM 733 O "O5'"  . DT B 1 10 ? -12.719 3.194   -0.732  1.00 10.00 ? 24 DT B "O5'"  1 
ATOM 734 C "C5'"  . DT B 1 10 ? -12.074 4.202   -1.486  1.00 10.00 ? 24 DT B "C5'"  1 
ATOM 735 C "C4'"  . DT B 1 10 ? -11.498 3.637   -2.790  1.00 10.00 ? 24 DT B "C4'"  1 
ATOM 736 O "O4'"  . DT B 1 10 ? -10.437 2.736   -2.549  1.00 10.00 ? 24 DT B "O4'"  1 
ATOM 737 C "C3'"  . DT B 1 10 ? -12.539 2.963   -3.702  1.00 10.00 ? 24 DT B "C3'"  1 
ATOM 738 O "O3'"  . DT B 1 10 ? -12.377 3.393   -5.045  1.00 10.00 ? 24 DT B "O3'"  1 
ATOM 739 C "C2'"  . DT B 1 10 ? -12.106 1.523   -3.501  1.00 10.00 ? 24 DT B "C2'"  1 
ATOM 740 C "C1'"  . DT B 1 10 ? -10.585 1.695   -3.482  1.00 10.00 ? 24 DT B "C1'"  1 
ATOM 741 N N1     . DT B 1 10 ? -9.879  0.510   -2.965  1.00 10.00 ? 24 DT B N1     1 
ATOM 742 C C2     . DT B 1 10 ? -8.833  -0.099  -3.655  1.00 10.00 ? 24 DT B C2     1 
ATOM 743 O O2     . DT B 1 10 ? -8.402  0.303   -4.730  1.00 10.00 ? 24 DT B O2     1 
ATOM 744 N N3     . DT B 1 10 ? -8.318  -1.249  -3.077  1.00 10.00 ? 24 DT B N3     1 
ATOM 745 C C4     . DT B 1 10 ? -8.785  -1.843  -1.916  1.00 10.00 ? 24 DT B C4     1 
ATOM 746 O O4     . DT B 1 10 ? -8.290  -2.894  -1.521  1.00 10.00 ? 24 DT B O4     1 
ATOM 747 C C5     . DT B 1 10 ? -9.872  -1.130  -1.267  1.00 10.00 ? 24 DT B C5     1 
ATOM 748 C C7     . DT B 1 10 ? -10.615 -1.706  -0.088  1.00 10.00 ? 24 DT B C7     1 
ATOM 749 C C6     . DT B 1 10 ? -10.349 0.006   -1.803  1.00 10.00 ? 24 DT B C6     1 
ATOM 750 H "H5'"  . DT B 1 10 ? -11.262 4.636   -0.900  1.00 10.00 ? 24 DT B "H5'"  1 
ATOM 751 H "H5''" . DT B 1 10 ? -12.791 4.986   -1.731  1.00 10.00 ? 24 DT B "H5''" 1 
ATOM 752 H "H4'"  . DT B 1 10 ? -11.020 4.428   -3.326  1.00 10.00 ? 24 DT B "H4'"  1 
ATOM 753 H "H3'"  . DT B 1 10 ? -13.548 3.141   -3.330  1.00 10.00 ? 24 DT B "H3'"  1 
ATOM 754 H "H2'"  . DT B 1 10 ? -12.552 1.292   -2.552  1.00 10.00 ? 24 DT B "H2'"  1 
ATOM 755 H "H2''" . DT B 1 10 ? -12.465 0.766   -4.175  1.00 10.00 ? 24 DT B "H2''" 1 
ATOM 756 H "H1'"  . DT B 1 10 ? -10.257 1.996   -4.469  1.00 10.00 ? 24 DT B "H1'"  1 
ATOM 757 H H3     . DT B 1 10 ? -7.569  -1.725  -3.580  1.00 10.00 ? 24 DT B H3     1 
ATOM 758 H H71    . DT B 1 10 ? -9.905  -1.981  0.692   1.00 10.00 ? 24 DT B H71    1 
ATOM 759 H H72    . DT B 1 10 ? -11.354 -1.018  0.322   1.00 10.00 ? 24 DT B H72    1 
ATOM 760 H H73    . DT B 1 10 ? -11.132 -2.609  -0.414  1.00 10.00 ? 24 DT B H73    1 
ATOM 761 H H6     . DT B 1 10 ? -11.130 0.582   -1.344  1.00 10.00 ? 24 DT B H6     1 
ATOM 762 P P      . DC B 1 11 ? -13.328 2.867   -6.238  1.00 10.00 ? 25 DC B P      1 
ATOM 763 O OP1    . DC B 1 11 ? -13.478 3.960   -7.222  1.00 10.00 ? 25 DC B OP1    1 
ATOM 764 O OP2    . DC B 1 11 ? -14.532 2.253   -5.637  1.00 10.00 ? 25 DC B OP2    1 
ATOM 765 O "O5'"  . DC B 1 11 ? -12.468 1.693   -6.936  1.00 10.00 ? 25 DC B "O5'"  1 
ATOM 766 C "C5'"  . DC B 1 11 ? -13.078 0.469   -7.302  1.00 10.00 ? 25 DC B "C5'"  1 
ATOM 767 C "C4'"  . DC B 1 11 ? -12.199 -0.337  -8.271  1.00 10.00 ? 25 DC B "C4'"  1 
ATOM 768 O "O4'"  . DC B 1 11 ? -10.915 -0.583  -7.709  1.00 10.00 ? 25 DC B "O4'"  1 
ATOM 769 C "C3'"  . DC B 1 11 ? -12.855 -1.693  -8.580  1.00 10.00 ? 25 DC B "C3'"  1 
ATOM 770 O "O3'"  . DC B 1 11 ? -12.703 -2.026  -9.946  1.00 10.00 ? 25 DC B "O3'"  1 
ATOM 771 C "C2'"  . DC B 1 11 ? -12.072 -2.603  -7.656  1.00 10.00 ? 25 DC B "C2'"  1 
ATOM 772 C "C1'"  . DC B 1 11 ? -10.677 -1.978  -7.684  1.00 10.00 ? 25 DC B "C1'"  1 
ATOM 773 N N1     . DC B 1 11 ? -10.011 -2.375  -6.425  1.00 10.00 ? 25 DC B N1     1 
ATOM 774 C C2     . DC B 1 11 ? -9.238  -3.529  -6.435  1.00 10.00 ? 25 DC B C2     1 
ATOM 775 O O2     . DC B 1 11 ? -8.551  -3.814  -7.411  1.00 10.00 ? 25 DC B O2     1 
ATOM 776 N N3     . DC B 1 11 ? -9.251  -4.358  -5.350  1.00 10.00 ? 25 DC B N3     1 
ATOM 777 C C4     . DC B 1 11 ? -10.061 -4.089  -4.320  1.00 10.00 ? 25 DC B C4     1 
ATOM 778 N N4     . DC B 1 11 ? -10.051 -4.901  -3.267  1.00 10.00 ? 25 DC B N4     1 
ATOM 779 C C5     . DC B 1 11 ? -10.839 -2.890  -4.283  1.00 10.00 ? 25 DC B C5     1 
ATOM 780 C C6     . DC B 1 11 ? -10.703 -2.038  -5.308  1.00 10.00 ? 25 DC B C6     1 
ATOM 781 H "H5'"  . DC B 1 11 ? -14.023 0.678   -7.808  1.00 10.00 ? 25 DC B "H5'"  1 
ATOM 782 H "H5''" . DC B 1 11 ? -13.283 -0.114  -6.404  1.00 10.00 ? 25 DC B "H5''" 1 
ATOM 783 H "H4'"  . DC B 1 11 ? -12.076 0.240   -9.183  1.00 10.00 ? 25 DC B "H4'"  1 
ATOM 784 H "H3'"  . DC B 1 11 ? -13.903 -1.696  -8.276  1.00 10.00 ? 25 DC B "H3'"  1 
ATOM 785 H "H2'"  . DC B 1 11 ? -12.595 -2.523  -6.705  1.00 10.00 ? 25 DC B "H2'"  1 
ATOM 786 H "H2''" . DC B 1 11 ? -12.030 -3.657  -7.894  1.00 10.00 ? 25 DC B "H2''" 1 
ATOM 787 H "H1'"  . DC B 1 11 ? -10.155 -2.289  -8.593  1.00 10.00 ? 25 DC B "H1'"  1 
ATOM 788 H H41    . DC B 1 11 ? -9.370  -5.651  -3.224  1.00 10.00 ? 25 DC B H41    1 
ATOM 789 H H42    . DC B 1 11 ? -10.580 -4.665  -2.446  1.00 10.00 ? 25 DC B H42    1 
ATOM 790 H H5     . DC B 1 11 ? -11.683 -2.668  -3.664  1.00 10.00 ? 25 DC B H5     1 
ATOM 791 H H6     . DC B 1 11 ? -11.309 -1.152  -5.327  1.00 10.00 ? 25 DC B H6     1 
ATOM 792 P P      . DA B 1 12 ? -13.417 -3.321  -10.591 1.00 10.00 ? 26 DA B P      1 
ATOM 793 O OP1    . DA B 1 12 ? -13.769 -3.003  -11.992 1.00 10.00 ? 26 DA B OP1    1 
ATOM 794 O OP2    . DA B 1 12 ? -14.459 -3.797  -9.656  1.00 10.00 ? 26 DA B OP2    1 
ATOM 795 O "O5'"  . DA B 1 12 ? -12.233 -4.406  -10.605 1.00 10.00 ? 26 DA B "O5'"  1 
ATOM 796 C "C5'"  . DA B 1 12 ? -11.096 -4.225  -11.428 1.00 10.00 ? 26 DA B "C5'"  1 
ATOM 797 C "C4'"  . DA B 1 12 ? -10.158 -5.434  -11.338 1.00 10.00 ? 26 DA B "C4'"  1 
ATOM 798 O "O4'"  . DA B 1 12 ? -9.791  -5.642  -9.973  1.00 10.00 ? 26 DA B "O4'"  1 
ATOM 799 C "C3'"  . DA B 1 12 ? -10.811 -6.718  -11.881 1.00 10.00 ? 26 DA B "C3'"  1 
ATOM 800 O "O3'"  . DA B 1 12 ? -9.841  -7.462  -12.596 1.00 10.00 ? 26 DA B "O3'"  1 
ATOM 801 C "C2'"  . DA B 1 12 ? -11.174 -7.394  -10.559 1.00 10.00 ? 26 DA B "C2'"  1 
ATOM 802 C "C1'"  . DA B 1 12 ? -10.020 -6.995  -9.629  1.00 10.00 ? 26 DA B "C1'"  1 
ATOM 803 N N9     . DA B 1 12 ? -10.373 -7.134  -8.186  1.00 10.00 ? 26 DA B N9     1 
ATOM 804 C C8     . DA B 1 12 ? -11.445 -6.608  -7.490  1.00 10.00 ? 26 DA B C8     1 
ATOM 805 N N7     . DA B 1 12 ? -11.479 -6.912  -6.225  1.00 10.00 ? 26 DA B N7     1 
ATOM 806 C C5     . DA B 1 12 ? -10.345 -7.689  -6.060  1.00 10.00 ? 26 DA B C5     1 
ATOM 807 C C6     . DA B 1 12 ? -9.808  -8.329  -4.938  1.00 10.00 ? 26 DA B C6     1 
ATOM 808 N N6     . DA B 1 12 ? -10.417 -8.240  -3.761  1.00 10.00 ? 26 DA B N6     1 
ATOM 809 N N1     . DA B 1 12 ? -8.683  -9.053  -5.058  1.00 10.00 ? 26 DA B N1     1 
ATOM 810 C C2     . DA B 1 12 ? -8.118  -9.128  -6.263  1.00 10.00 ? 26 DA B C2     1 
ATOM 811 N N3     . DA B 1 12 ? -8.523  -8.567  -7.399  1.00 10.00 ? 26 DA B N3     1 
ATOM 812 C C4     . DA B 1 12 ? -9.660  -7.840  -7.235  1.00 10.00 ? 26 DA B C4     1 
ATOM 813 H "H5'"  . DA B 1 12 ? -10.556 -3.334  -11.106 1.00 10.00 ? 26 DA B "H5'"  1 
ATOM 814 H "H5''" . DA B 1 12 ? -11.401 -4.096  -12.467 1.00 10.00 ? 26 DA B "H5''" 1 
ATOM 815 H "H4'"  . DA B 1 12 ? -9.265  -5.209  -11.924 1.00 10.00 ? 26 DA B "H4'"  1 
ATOM 816 H "H3'"  . DA B 1 12 ? -11.669 -6.529  -12.551 1.00 10.00 ? 26 DA B "H3'"  1 
ATOM 817 H "H2'"  . DA B 1 12 ? -12.108 -6.961  -10.209 1.00 10.00 ? 26 DA B "H2'"  1 
ATOM 818 H "H2''" . DA B 1 12 ? -11.291 -8.464  -10.673 1.00 10.00 ? 26 DA B "H2''" 1 
ATOM 819 H "H1'"  . DA B 1 12 ? -9.107  -7.569  -9.849  1.00 10.00 ? 26 DA B "H1'"  1 
ATOM 820 H H8     . DA B 1 12 ? -12.233 -6.000  -7.903  1.00 10.00 ? 26 DA B H8     1 
ATOM 821 H H61    . DA B 1 12 ? -10.025 -8.673  -2.938  1.00 10.00 ? 26 DA B H61    1 
ATOM 822 H H62    . DA B 1 12 ? -11.259 -7.687  -3.716  1.00 10.00 ? 26 DA B H62    1 
ATOM 823 H H2     . DA B 1 12 ? -7.218  -9.719  -6.323  1.00 10.00 ? 26 DA B H2     1 
ATOM 824 P P      . DT B 1 13 ? -10.193 -8.870  -13.304 1.00 10.00 ? 27 DT B P      1 
ATOM 825 O OP1    . DT B 1 13 ? -9.361  -8.995  -14.521 1.00 10.00 ? 27 DT B OP1    1 
ATOM 826 O OP2    . DT B 1 13 ? -11.663 -9.004  -13.397 1.00 10.00 ? 27 DT B OP2    1 
ATOM 827 O "O5'"  . DT B 1 13 ? -9.661  -9.929  -12.213 1.00 10.00 ? 27 DT B "O5'"  1 
ATOM 828 C "C5'"  . DT B 1 13 ? -8.273  -10.061 -11.979 1.00 10.00 ? 27 DT B "C5'"  1 
ATOM 829 C "C4'"  . DT B 1 13 ? -7.927  -11.213 -11.027 1.00 10.00 ? 27 DT B "C4'"  1 
ATOM 830 O "O4'"  . DT B 1 13 ? -8.301  -10.934 -9.675  1.00 10.00 ? 27 DT B "O4'"  1 
ATOM 831 C "C3'"  . DT B 1 13 ? -8.496  -12.570 -11.451 1.00 10.00 ? 27 DT B "C3'"  1 
ATOM 832 O "O3'"  . DT B 1 13 ? -7.507  -13.575 -11.299 1.00 10.00 ? 27 DT B "O3'"  1 
ATOM 833 C "C2'"  . DT B 1 13 ? -9.583  -12.678 -10.387 1.00 10.00 ? 27 DT B "C2'"  1 
ATOM 834 C "C1'"  . DT B 1 13 ? -8.964  -12.062 -9.127  1.00 10.00 ? 27 DT B "C1'"  1 
ATOM 835 N N1     . DT B 1 13 ? -9.939  -11.650 -8.065  1.00 10.00 ? 27 DT B N1     1 
ATOM 836 C C2     . DT B 1 13 ? -9.662  -12.024 -6.749  1.00 10.00 ? 27 DT B C2     1 
ATOM 837 O O2     . DT B 1 13 ? -8.658  -12.637 -6.401  1.00 10.00 ? 27 DT B O2     1 
ATOM 838 N N3     . DT B 1 13 ? -10.592 -11.671 -5.796  1.00 10.00 ? 27 DT B N3     1 
ATOM 839 C C4     . DT B 1 13 ? -11.788 -11.036 -6.014  1.00 10.00 ? 27 DT B C4     1 
ATOM 840 O O4     . DT B 1 13 ? -12.529 -10.807 -5.060  1.00 10.00 ? 27 DT B O4     1 
ATOM 841 C C5     . DT B 1 13 ? -12.033 -10.684 -7.401  1.00 10.00 ? 27 DT B C5     1 
ATOM 842 C C7     . DT B 1 13 ? -13.382 -10.101 -7.800  1.00 10.00 ? 27 DT B C7     1 
ATOM 843 C C6     . DT B 1 13 ? -11.103 -10.969 -8.356  1.00 10.00 ? 27 DT B C6     1 
ATOM 844 H "H5'"  . DT B 1 13 ? -7.879  -9.131  -11.568 1.00 10.00 ? 27 DT B "H5'"  1 
ATOM 845 H "H5''" . DT B 1 13 ? -7.771  -10.259 -12.927 1.00 10.00 ? 27 DT B "H5''" 1 
ATOM 846 H "H4'"  . DT B 1 13 ? -6.860  -11.292 -11.100 1.00 10.00 ? 27 DT B "H4'"  1 
ATOM 847 H "H3'"  . DT B 1 13 ? -8.863  -12.521 -12.493 1.00 10.00 ? 27 DT B "H3'"  1 
ATOM 848 H "H2'"  . DT B 1 13 ? -10.289 -11.981 -10.805 1.00 10.00 ? 27 DT B "H2'"  1 
ATOM 849 H "H2''" . DT B 1 13 ? -10.003 -13.681 -10.240 1.00 10.00 ? 27 DT B "H2''" 1 
ATOM 850 H "H1'"  . DT B 1 13 ? -8.263  -12.784 -8.686  1.00 10.00 ? 27 DT B "H1'"  1 
ATOM 851 H H3     . DT B 1 13 ? -10.361 -11.927 -4.841  1.00 10.00 ? 27 DT B H3     1 
ATOM 852 H H71    . DT B 1 13 ? -13.979 -9.871  -6.916  1.00 10.00 ? 27 DT B H71    1 
ATOM 853 H H72    . DT B 1 13 ? -13.231 -9.180  -8.365  1.00 10.00 ? 27 DT B H72    1 
ATOM 854 H H73    . DT B 1 13 ? -13.923 -10.818 -8.418  1.00 10.00 ? 27 DT B H73    1 
ATOM 855 H H6     . DT B 1 13 ? -11.263 -10.616 -9.362  1.00 10.00 ? 27 DT B H6     1 
ATOM 856 P P      . DA B 1 14 ? -7.748  -15.099 -11.765 1.00 10.00 ? 28 DA B P      1 
ATOM 857 O OP1    . DA B 1 14 ? -6.649  -15.494 -12.672 1.00 10.00 ? 28 DA B OP1    1 
ATOM 858 O OP2    . DA B 1 14 ? -9.155  -15.260 -12.189 1.00 10.00 ? 28 DA B OP2    1 
ATOM 859 O "O5'"  . DA B 1 14 ? -7.565  -15.900 -10.383 1.00 10.00 ? 28 DA B "O5'"  1 
ATOM 860 C "C5'"  . DA B 1 14 ? -6.276  -16.145 -9.855  1.00 10.00 ? 28 DA B "C5'"  1 
ATOM 861 C "C4'"  . DA B 1 14 ? -6.396  -16.899 -8.529  1.00 10.00 ? 28 DA B "C4'"  1 
ATOM 862 O "O4'"  . DA B 1 14 ? -7.045  -16.066 -7.571  1.00 10.00 ? 28 DA B "O4'"  1 
ATOM 863 C "C3'"  . DA B 1 14 ? -7.169  -18.205 -8.684  1.00 10.00 ? 28 DA B "C3'"  1 
ATOM 864 O "O3'"  . DA B 1 14 ? -6.322  -19.312 -8.439  1.00 10.00 ? 28 DA B "O3'"  1 
ATOM 865 C "C2'"  . DA B 1 14 ? -8.226  -18.111 -7.588  1.00 10.00 ? 28 DA B "C2'"  1 
ATOM 866 C "C1'"  . DA B 1 14 ? -8.033  -16.781 -6.848  1.00 10.00 ? 28 DA B "C1'"  1 
ATOM 867 N N9     . DA B 1 14 ? -9.296  -16.009 -6.772  1.00 10.00 ? 28 DA B N9     1 
ATOM 868 C C8     . DA B 1 14 ? -9.977  -15.350 -7.763  1.00 10.00 ? 28 DA B C8     1 
ATOM 869 N N7     . DA B 1 14 ? -11.060 -14.735 -7.363  1.00 10.00 ? 28 DA B N7     1 
ATOM 870 C C5     . DA B 1 14 ? -11.104 -15.025 -6.004  1.00 10.00 ? 28 DA B C5     1 
ATOM 871 C C6     . DA B 1 14 ? -12.003 -14.690 -4.976  1.00 10.00 ? 28 DA B C6     1 
ATOM 872 N N6     . DA B 1 14 ? -13.070 -13.917 -5.175  1.00 10.00 ? 28 DA B N6     1 
ATOM 873 N N1     . DA B 1 14 ? -11.803 -15.195 -3.749  1.00 10.00 ? 28 DA B N1     1 
ATOM 874 C C2     . DA B 1 14 ? -10.746 -15.974 -3.537  1.00 10.00 ? 28 DA B C2     1 
ATOM 875 N N3     . DA B 1 14 ? -9.816  -16.340 -4.406  1.00 10.00 ? 28 DA B N3     1 
ATOM 876 C C4     . DA B 1 14 ? -10.050 -15.820 -5.639  1.00 10.00 ? 28 DA B C4     1 
ATOM 877 H "H5'"  . DA B 1 14 ? -5.755  -15.200 -9.686  1.00 10.00 ? 28 DA B "H5'"  1 
ATOM 878 H "H5''" . DA B 1 14 ? -5.698  -16.751 -10.554 1.00 10.00 ? 28 DA B "H5''" 1 
ATOM 879 H "H4'"  . DA B 1 14 ? -5.399  -17.178 -8.187  1.00 10.00 ? 28 DA B "H4'"  1 
ATOM 880 H "H3'"  . DA B 1 14 ? -7.589  -18.339 -9.683  1.00 10.00 ? 28 DA B "H3'"  1 
ATOM 881 H "HO3'" . DA B 1 14 ? -5.634  -19.325 -9.108  1.00 10.00 ? 28 DA B "HO3'" 1 
ATOM 882 H "H2'"  . DA B 1 14 ? -9.235  -18.186 -8.008  1.00 10.00 ? 28 DA B "H2'"  1 
ATOM 883 H "H2''" . DA B 1 14 ? -7.997  -18.906 -6.889  1.00 10.00 ? 28 DA B "H2''" 1 
ATOM 884 H "H1'"  . DA B 1 14 ? -7.719  -16.948 -5.805  1.00 10.00 ? 28 DA B "H1'"  1 
ATOM 885 H H8     . DA B 1 14 ? -9.650  -15.355 -8.787  1.00 10.00 ? 28 DA B H8     1 
ATOM 886 H H61    . DA B 1 14 ? -13.647 -13.623 -4.393  1.00 10.00 ? 28 DA B H61    1 
ATOM 887 H H62    . DA B 1 14 ? -13.233 -13.564 -6.105  1.00 10.00 ? 28 DA B H62    1 
ATOM 888 H H2     . DA B 1 14 ? -10.629 -16.353 -2.535  1.00 10.00 ? 28 DA B H2     1 
# 
